data_5DAM
# 
_entry.id   5DAM 
# 
_audit_conform.dict_name       mmcif_pdbx.dic 
_audit_conform.dict_version    5.387 
_audit_conform.dict_location   http://mmcif.pdb.org/dictionaries/ascii/mmcif_pdbx.dic 
# 
loop_
_database_2.database_id 
_database_2.database_code 
_database_2.pdbx_database_accession 
_database_2.pdbx_DOI 
PDB   5DAM         pdb_00005dam 10.2210/pdb5dam/pdb 
WWPDB D_1000212759 ?            ?                   
# 
loop_
_pdbx_audit_revision_history.ordinal 
_pdbx_audit_revision_history.data_content_type 
_pdbx_audit_revision_history.major_revision 
_pdbx_audit_revision_history.minor_revision 
_pdbx_audit_revision_history.revision_date 
1 'Structure model' 1 0 2016-03-16 
2 'Structure model' 1 1 2024-03-06 
# 
_pdbx_audit_revision_details.ordinal             1 
_pdbx_audit_revision_details.revision_ordinal    1 
_pdbx_audit_revision_details.data_content_type   'Structure model' 
_pdbx_audit_revision_details.provider            repository 
_pdbx_audit_revision_details.type                'Initial release' 
_pdbx_audit_revision_details.description         ? 
_pdbx_audit_revision_details.details             ? 
# 
loop_
_pdbx_audit_revision_group.ordinal 
_pdbx_audit_revision_group.revision_ordinal 
_pdbx_audit_revision_group.data_content_type 
_pdbx_audit_revision_group.group 
1 2 'Structure model' 'Data collection'      
2 2 'Structure model' 'Database references'  
3 2 'Structure model' 'Derived calculations' 
# 
loop_
_pdbx_audit_revision_category.ordinal 
_pdbx_audit_revision_category.revision_ordinal 
_pdbx_audit_revision_category.data_content_type 
_pdbx_audit_revision_category.category 
1 2 'Structure model' chem_comp_atom         
2 2 'Structure model' chem_comp_bond         
3 2 'Structure model' database_2             
4 2 'Structure model' pdbx_struct_conn_angle 
5 2 'Structure model' pdbx_struct_oper_list  
6 2 'Structure model' struct_conn            
# 
loop_
_pdbx_audit_revision_item.ordinal 
_pdbx_audit_revision_item.revision_ordinal 
_pdbx_audit_revision_item.data_content_type 
_pdbx_audit_revision_item.item 
1  2 'Structure model' '_database_2.pdbx_DOI'                        
2  2 'Structure model' '_database_2.pdbx_database_accession'         
3  2 'Structure model' '_pdbx_struct_conn_angle.ptnr1_auth_asym_id'  
4  2 'Structure model' '_pdbx_struct_conn_angle.ptnr1_auth_seq_id'   
5  2 'Structure model' '_pdbx_struct_conn_angle.ptnr1_label_asym_id' 
6  2 'Structure model' '_pdbx_struct_conn_angle.ptnr1_symmetry'      
7  2 'Structure model' '_pdbx_struct_conn_angle.ptnr3_auth_asym_id'  
8  2 'Structure model' '_pdbx_struct_conn_angle.ptnr3_auth_seq_id'   
9  2 'Structure model' '_pdbx_struct_conn_angle.ptnr3_label_asym_id' 
10 2 'Structure model' '_pdbx_struct_conn_angle.ptnr3_symmetry'      
11 2 'Structure model' '_pdbx_struct_conn_angle.value'               
12 2 'Structure model' '_pdbx_struct_oper_list.symmetry_operation'   
13 2 'Structure model' '_struct_conn.pdbx_dist_value'                
14 2 'Structure model' '_struct_conn.ptnr2_auth_asym_id'             
15 2 'Structure model' '_struct_conn.ptnr2_auth_seq_id'              
16 2 'Structure model' '_struct_conn.ptnr2_label_asym_id'            
17 2 'Structure model' '_struct_conn.ptnr2_symmetry'                 
# 
_pdbx_database_status.status_code                     REL 
_pdbx_database_status.status_code_sf                  REL 
_pdbx_database_status.status_code_mr                  ? 
_pdbx_database_status.entry_id                        5DAM 
_pdbx_database_status.recvd_initial_deposition_date   2015-08-20 
_pdbx_database_status.SG_entry                        N 
_pdbx_database_status.deposit_site                    RCSB 
_pdbx_database_status.process_site                    RCSB 
_pdbx_database_status.status_code_cs                  ? 
_pdbx_database_status.methods_development_category    ? 
_pdbx_database_status.pdb_format_compatible           Y 
_pdbx_database_status.status_code_nmr_data            ? 
# 
_audit_author.name           'Clark, G.R.' 
_audit_author.pdbx_ordinal   1 
# 
_citation.abstract                  ? 
_citation.abstract_id_CAS           ? 
_citation.book_id_ISBN              ? 
_citation.book_publisher            ? 
_citation.book_publisher_city       ? 
_citation.book_title                ? 
_citation.coordinate_linkage        ? 
_citation.country                   ? 
_citation.database_id_Medline       ? 
_citation.details                   ? 
_citation.id                        primary 
_citation.journal_abbrev            'Int J Radiat Biol.' 
_citation.journal_id_ASTM           ? 
_citation.journal_id_CSD            ? 
_citation.journal_id_ISSN           ? 
_citation.journal_full              ? 
_citation.journal_issue             ? 
_citation.journal_volume            ? 
_citation.language                  ? 
_citation.page_first                ? 
_citation.page_last                 ? 
_citation.title                     'Crystal Structure of p-iodoHoechst bound to d(CGCAAATTTGCG)' 
_citation.year                      2016 
_citation.database_id_CSD           ? 
_citation.pdbx_database_id_DOI      ? 
_citation.pdbx_database_id_PubMed   ? 
_citation.unpublished_flag          ? 
# 
_citation_author.citation_id        primary 
_citation_author.name               'Clark, G.R.' 
_citation_author.ordinal            1 
_citation_author.identifier_ORCID   ? 
# 
loop_
_entity.id 
_entity.type 
_entity.src_method 
_entity.pdbx_description 
_entity.formula_weight 
_entity.pdbx_number_of_molecules 
_entity.pdbx_ec 
_entity.pdbx_mutation 
_entity.pdbx_fragment 
_entity.details 
1 polymer     syn 
;DNA (5'-D(*CP*GP*CP*AP*AP*AP*TP*TP*TP*GP*CP*G)-3')
;
3662.404 2   ? ? ? ? 
2 non-polymer syn 'p-iodo Hoechst'                                     534.395  1   ? ? ? ? 
3 non-polymer syn 'MAGNESIUM ION'                                      24.305   1   ? ? ? ? 
4 water       nat water                                                18.015   135 ? ? ? ? 
# 
_entity_poly.entity_id                      1 
_entity_poly.type                           polydeoxyribonucleotide 
_entity_poly.nstd_linkage                   no 
_entity_poly.nstd_monomer                   no 
_entity_poly.pdbx_seq_one_letter_code       '(DC)(DG)(DC)(DA)(DA)(DA)(DT)(DT)(DT)(DG)(DC)(DG)' 
_entity_poly.pdbx_seq_one_letter_code_can   CGCAAATTTGCG 
_entity_poly.pdbx_strand_id                 A,B 
_entity_poly.pdbx_target_identifier         ? 
# 
loop_
_pdbx_entity_nonpoly.entity_id 
_pdbx_entity_nonpoly.name 
_pdbx_entity_nonpoly.comp_id 
2 'p-iodo Hoechst' 58F 
3 'MAGNESIUM ION'  MG  
4 water            HOH 
# 
loop_
_entity_poly_seq.entity_id 
_entity_poly_seq.num 
_entity_poly_seq.mon_id 
_entity_poly_seq.hetero 
1 1  DC n 
1 2  DG n 
1 3  DC n 
1 4  DA n 
1 5  DA n 
1 6  DA n 
1 7  DT n 
1 8  DT n 
1 9  DT n 
1 10 DG n 
1 11 DC n 
1 12 DG n 
# 
_pdbx_entity_src_syn.entity_id              1 
_pdbx_entity_src_syn.pdbx_src_id            1 
_pdbx_entity_src_syn.pdbx_alt_source_flag   sample 
_pdbx_entity_src_syn.pdbx_beg_seq_num       1 
_pdbx_entity_src_syn.pdbx_end_seq_num       12 
_pdbx_entity_src_syn.organism_scientific    'synthetic construct' 
_pdbx_entity_src_syn.organism_common_name   ? 
_pdbx_entity_src_syn.ncbi_taxonomy_id       32630 
_pdbx_entity_src_syn.details                ? 
# 
loop_
_chem_comp.id 
_chem_comp.type 
_chem_comp.mon_nstd_flag 
_chem_comp.name 
_chem_comp.pdbx_synonyms 
_chem_comp.formula 
_chem_comp.formula_weight 
58F non-polymer   . 'p-iodo Hoechst'                     
"2'-(4-iodophenyl)-6-(4-methylpiperazin-1-yl)-1H,3'H-2,5'-bibenzimidazole" 'C25 H23 I N6'    534.395 
DA  'DNA linking' y "2'-DEOXYADENOSINE-5'-MONOPHOSPHATE" ? 'C10 H14 N5 O6 P' 331.222 
DC  'DNA linking' y "2'-DEOXYCYTIDINE-5'-MONOPHOSPHATE"  ? 'C9 H14 N3 O7 P'  307.197 
DG  'DNA linking' y "2'-DEOXYGUANOSINE-5'-MONOPHOSPHATE" ? 'C10 H14 N5 O7 P' 347.221 
DT  'DNA linking' y "THYMIDINE-5'-MONOPHOSPHATE"         ? 'C10 H15 N2 O8 P' 322.208 
HOH non-polymer   . WATER                                ? 'H2 O'            18.015  
MG  non-polymer   . 'MAGNESIUM ION'                      ? 'Mg 2'            24.305  
# 
loop_
_pdbx_poly_seq_scheme.asym_id 
_pdbx_poly_seq_scheme.entity_id 
_pdbx_poly_seq_scheme.seq_id 
_pdbx_poly_seq_scheme.mon_id 
_pdbx_poly_seq_scheme.ndb_seq_num 
_pdbx_poly_seq_scheme.pdb_seq_num 
_pdbx_poly_seq_scheme.auth_seq_num 
_pdbx_poly_seq_scheme.pdb_mon_id 
_pdbx_poly_seq_scheme.auth_mon_id 
_pdbx_poly_seq_scheme.pdb_strand_id 
_pdbx_poly_seq_scheme.pdb_ins_code 
_pdbx_poly_seq_scheme.hetero 
A 1 1  DC 1  1  1  DC DC A . n 
A 1 2  DG 2  2  2  DG DG A . n 
A 1 3  DC 3  3  3  DC DC A . n 
A 1 4  DA 4  4  4  DA DA A . n 
A 1 5  DA 5  5  5  DA DA A . n 
A 1 6  DA 6  6  6  DA DA A . n 
A 1 7  DT 7  7  7  DT DT A . n 
A 1 8  DT 8  8  8  DT DT A . n 
A 1 9  DT 9  9  9  DT DT A . n 
A 1 10 DG 10 10 10 DG DG A . n 
A 1 11 DC 11 11 11 DC DC A . n 
A 1 12 DG 12 12 12 DG DG A . n 
B 1 1  DC 1  1  1  DC DC B . n 
B 1 2  DG 2  2  2  DG DG B . n 
B 1 3  DC 3  3  3  DC DC B . n 
B 1 4  DA 4  4  4  DA DA B . n 
B 1 5  DA 5  5  5  DA DA B . n 
B 1 6  DA 6  6  6  DA DA B . n 
B 1 7  DT 7  7  7  DT DT B . n 
B 1 8  DT 8  8  8  DT DT B . n 
B 1 9  DT 9  9  9  DT DT B . n 
B 1 10 DG 10 10 10 DG DG B . n 
B 1 11 DC 11 11 11 DC DC B . n 
B 1 12 DG 12 12 12 DG DG B . n 
# 
loop_
_pdbx_nonpoly_scheme.asym_id 
_pdbx_nonpoly_scheme.entity_id 
_pdbx_nonpoly_scheme.mon_id 
_pdbx_nonpoly_scheme.ndb_seq_num 
_pdbx_nonpoly_scheme.pdb_seq_num 
_pdbx_nonpoly_scheme.auth_seq_num 
_pdbx_nonpoly_scheme.pdb_mon_id 
_pdbx_nonpoly_scheme.auth_mon_id 
_pdbx_nonpoly_scheme.pdb_strand_id 
_pdbx_nonpoly_scheme.pdb_ins_code 
C 2 58F 1  201 201 58F 4IH A . 
D 3 MG  1  202 301 MG  MG  A . 
E 4 HOH 1  301 215 HOH HOH A . 
E 4 HOH 2  302 133 HOH HOH A . 
E 4 HOH 3  303 222 HOH HOH A . 
E 4 HOH 4  304 184 HOH HOH A . 
E 4 HOH 5  305 196 HOH HOH A . 
E 4 HOH 6  306 210 HOH HOH A . 
E 4 HOH 7  307 206 HOH HOH A . 
E 4 HOH 8  308 105 HOH HOH A . 
E 4 HOH 9  309 190 HOH HOH A . 
E 4 HOH 10 310 173 HOH HOH A . 
E 4 HOH 11 311 201 HOH HOH A . 
E 4 HOH 12 312 115 HOH HOH A . 
E 4 HOH 13 313 111 HOH HOH A . 
E 4 HOH 14 314 152 HOH HOH A . 
E 4 HOH 15 315 198 HOH HOH A . 
E 4 HOH 16 316 106 HOH HOH A . 
E 4 HOH 17 317 135 HOH HOH A . 
E 4 HOH 18 318 306 HOH HOH A . 
E 4 HOH 19 319 132 HOH HOH A . 
E 4 HOH 20 320 179 HOH HOH A . 
E 4 HOH 21 321 169 HOH HOH A . 
E 4 HOH 22 322 211 HOH HOH A . 
E 4 HOH 23 323 150 HOH HOH A . 
E 4 HOH 24 324 137 HOH HOH A . 
E 4 HOH 25 325 304 HOH HOH A . 
E 4 HOH 26 326 195 HOH HOH A . 
E 4 HOH 27 327 202 HOH HOH A . 
E 4 HOH 28 328 108 HOH HOH A . 
E 4 HOH 29 329 303 HOH HOH A . 
E 4 HOH 30 330 146 HOH HOH A . 
E 4 HOH 31 331 110 HOH HOH A . 
E 4 HOH 32 332 220 HOH HOH A . 
E 4 HOH 33 333 101 HOH HOH A . 
E 4 HOH 34 334 103 HOH HOH A . 
E 4 HOH 35 335 171 HOH HOH A . 
E 4 HOH 36 336 192 HOH HOH A . 
E 4 HOH 37 337 125 HOH HOH A . 
E 4 HOH 38 338 194 HOH HOH A . 
E 4 HOH 39 339 164 HOH HOH A . 
E 4 HOH 40 340 305 HOH HOH A . 
E 4 HOH 41 341 170 HOH HOH A . 
E 4 HOH 42 342 120 HOH HOH A . 
E 4 HOH 43 343 129 HOH HOH A . 
E 4 HOH 44 344 189 HOH HOH A . 
E 4 HOH 45 345 186 HOH HOH A . 
E 4 HOH 46 346 112 HOH HOH A . 
E 4 HOH 47 347 307 HOH HOH A . 
E 4 HOH 48 348 127 HOH HOH A . 
E 4 HOH 49 349 225 HOH HOH A . 
E 4 HOH 50 350 162 HOH HOH A . 
E 4 HOH 51 351 187 HOH HOH A . 
E 4 HOH 52 352 151 HOH HOH A . 
E 4 HOH 53 353 156 HOH HOH A . 
E 4 HOH 54 354 228 HOH HOH A . 
E 4 HOH 55 355 213 HOH HOH A . 
E 4 HOH 56 356 185 HOH HOH A . 
E 4 HOH 57 357 207 HOH HOH A . 
E 4 HOH 58 358 138 HOH HOH A . 
E 4 HOH 59 359 148 HOH HOH A . 
E 4 HOH 60 360 113 HOH HOH A . 
E 4 HOH 61 361 114 HOH HOH A . 
E 4 HOH 62 362 217 HOH HOH A . 
E 4 HOH 63 363 102 HOH HOH A . 
E 4 HOH 64 364 174 HOH HOH A . 
E 4 HOH 65 365 161 HOH HOH A . 
E 4 HOH 66 366 167 HOH HOH A . 
E 4 HOH 67 367 117 HOH HOH A . 
E 4 HOH 68 368 221 HOH HOH A . 
E 4 HOH 69 369 208 HOH HOH A . 
E 4 HOH 70 370 182 HOH HOH A . 
E 4 HOH 71 371 200 HOH HOH A . 
E 4 HOH 72 372 153 HOH HOH A . 
E 4 HOH 73 373 163 HOH HOH A . 
E 4 HOH 74 374 226 HOH HOH A . 
E 4 HOH 75 375 180 HOH HOH A . 
F 4 HOH 1  101 209 HOH HOH B . 
F 4 HOH 2  102 126 HOH HOH B . 
F 4 HOH 3  103 131 HOH HOH B . 
F 4 HOH 4  104 183 HOH HOH B . 
F 4 HOH 5  105 302 HOH HOH B . 
F 4 HOH 6  106 144 HOH HOH B . 
F 4 HOH 7  107 145 HOH HOH B . 
F 4 HOH 8  108 136 HOH HOH B . 
F 4 HOH 9  109 224 HOH HOH B . 
F 4 HOH 10 110 205 HOH HOH B . 
F 4 HOH 11 111 149 HOH HOH B . 
F 4 HOH 12 112 104 HOH HOH B . 
F 4 HOH 13 113 178 HOH HOH B . 
F 4 HOH 14 114 191 HOH HOH B . 
F 4 HOH 15 115 139 HOH HOH B . 
F 4 HOH 16 116 143 HOH HOH B . 
F 4 HOH 17 117 134 HOH HOH B . 
F 4 HOH 18 118 119 HOH HOH B . 
F 4 HOH 19 119 177 HOH HOH B . 
F 4 HOH 20 120 160 HOH HOH B . 
F 4 HOH 21 121 123 HOH HOH B . 
F 4 HOH 22 122 128 HOH HOH B . 
F 4 HOH 23 123 107 HOH HOH B . 
F 4 HOH 24 124 154 HOH HOH B . 
F 4 HOH 25 125 116 HOH HOH B . 
F 4 HOH 26 126 124 HOH HOH B . 
F 4 HOH 27 127 122 HOH HOH B . 
F 4 HOH 28 128 199 HOH HOH B . 
F 4 HOH 29 129 157 HOH HOH B . 
F 4 HOH 30 130 214 HOH HOH B . 
F 4 HOH 31 131 165 HOH HOH B . 
F 4 HOH 32 132 172 HOH HOH B . 
F 4 HOH 33 133 140 HOH HOH B . 
F 4 HOH 34 134 118 HOH HOH B . 
F 4 HOH 35 135 159 HOH HOH B . 
F 4 HOH 36 136 229 HOH HOH B . 
F 4 HOH 37 137 227 HOH HOH B . 
F 4 HOH 38 138 212 HOH HOH B . 
F 4 HOH 39 139 130 HOH HOH B . 
F 4 HOH 40 140 176 HOH HOH B . 
F 4 HOH 41 141 223 HOH HOH B . 
F 4 HOH 42 142 203 HOH HOH B . 
F 4 HOH 43 143 166 HOH HOH B . 
F 4 HOH 44 144 175 HOH HOH B . 
F 4 HOH 45 145 121 HOH HOH B . 
F 4 HOH 46 146 109 HOH HOH B . 
F 4 HOH 47 147 147 HOH HOH B . 
F 4 HOH 48 148 197 HOH HOH B . 
F 4 HOH 49 149 155 HOH HOH B . 
F 4 HOH 50 150 218 HOH HOH B . 
F 4 HOH 51 151 181 HOH HOH B . 
F 4 HOH 52 152 142 HOH HOH B . 
F 4 HOH 53 153 188 HOH HOH B . 
F 4 HOH 54 154 158 HOH HOH B . 
F 4 HOH 55 155 141 HOH HOH B . 
F 4 HOH 56 156 193 HOH HOH B . 
F 4 HOH 57 157 216 HOH HOH B . 
F 4 HOH 58 158 219 HOH HOH B . 
F 4 HOH 59 159 204 HOH HOH B . 
F 4 HOH 60 160 168 HOH HOH B . 
# 
loop_
_software.citation_id 
_software.classification 
_software.compiler_name 
_software.compiler_version 
_software.contact_author 
_software.contact_author_email 
_software.date 
_software.description 
_software.dependencies 
_software.hardware 
_software.language 
_software.location 
_software.mods 
_software.name 
_software.os 
_software.os_version 
_software.type 
_software.version 
_software.pdbx_ordinal 
? 'data reduction' ? ? ? ? ? ? ? ? ? ? ? DENZO     ? ? ? . 1 
? 'data scaling'   ? ? ? ? ? ? ? ? ? ? ? SCALEPACK ? ? ? . 2 
? phasing          ? ? ? ? ? ? ? ? ? ? ? AMoRE     ? ? ? . 3 
? refinement       ? ? ? ? ? ? ? ? ? ? ? SHELXL-97 ? ? ? . 4 
# 
_cell.angle_alpha                  90.00 
_cell.angle_alpha_esd              ? 
_cell.angle_beta                   90.00 
_cell.angle_beta_esd               ? 
_cell.angle_gamma                  90.00 
_cell.angle_gamma_esd              ? 
_cell.entry_id                     5DAM 
_cell.details                      ? 
_cell.formula_units_Z              ? 
_cell.length_a                     24.638 
_cell.length_a_esd                 ? 
_cell.length_b                     40.408 
_cell.length_b_esd                 ? 
_cell.length_c                     64.344 
_cell.length_c_esd                 ? 
_cell.volume                       ? 
_cell.volume_esd                   ? 
_cell.Z_PDB                        8 
_cell.reciprocal_angle_alpha       ? 
_cell.reciprocal_angle_beta        ? 
_cell.reciprocal_angle_gamma       ? 
_cell.reciprocal_angle_alpha_esd   ? 
_cell.reciprocal_angle_beta_esd    ? 
_cell.reciprocal_angle_gamma_esd   ? 
_cell.reciprocal_length_a          ? 
_cell.reciprocal_length_b          ? 
_cell.reciprocal_length_c          ? 
_cell.reciprocal_length_a_esd      ? 
_cell.reciprocal_length_b_esd      ? 
_cell.reciprocal_length_c_esd      ? 
_cell.pdbx_unique_axis             ? 
# 
_symmetry.entry_id                         5DAM 
_symmetry.cell_setting                     ? 
_symmetry.Int_Tables_number                19 
_symmetry.space_group_name_Hall            ? 
_symmetry.space_group_name_H-M             'P 21 21 21' 
_symmetry.pdbx_full_space_group_name_H-M   ? 
# 
_exptl.absorpt_coefficient_mu     ? 
_exptl.absorpt_correction_T_max   ? 
_exptl.absorpt_correction_T_min   ? 
_exptl.absorpt_correction_type    ? 
_exptl.absorpt_process_details    ? 
_exptl.entry_id                   5DAM 
_exptl.crystals_number            1 
_exptl.details                    ? 
_exptl.method                     'X-RAY DIFFRACTION' 
_exptl.method_details             ? 
# 
_exptl_crystal.colour                      ? 
_exptl_crystal.density_diffrn              ? 
_exptl_crystal.density_Matthews            2.07 
_exptl_crystal.density_method              ? 
_exptl_crystal.density_percent_sol         43.74 
_exptl_crystal.description                 ? 
_exptl_crystal.F_000                       ? 
_exptl_crystal.id                          1 
_exptl_crystal.preparation                 ? 
_exptl_crystal.size_max                    ? 
_exptl_crystal.size_mid                    ? 
_exptl_crystal.size_min                    ? 
_exptl_crystal.size_rad                    ? 
_exptl_crystal.colour_lustre               ? 
_exptl_crystal.colour_modifier             ? 
_exptl_crystal.colour_primary              ? 
_exptl_crystal.density_meas                ? 
_exptl_crystal.density_meas_esd            ? 
_exptl_crystal.density_meas_gt             ? 
_exptl_crystal.density_meas_lt             ? 
_exptl_crystal.density_meas_temp           ? 
_exptl_crystal.density_meas_temp_esd       ? 
_exptl_crystal.density_meas_temp_gt        ? 
_exptl_crystal.density_meas_temp_lt        ? 
_exptl_crystal.pdbx_crystal_image_url      ? 
_exptl_crystal.pdbx_crystal_image_format   ? 
_exptl_crystal.pdbx_mosaicity              ? 
_exptl_crystal.pdbx_mosaicity_esd          ? 
# 
_exptl_crystal_grow.apparatus       ? 
_exptl_crystal_grow.atmosphere      ? 
_exptl_crystal_grow.crystal_id      1 
_exptl_crystal_grow.details         ? 
_exptl_crystal_grow.method          'VAPOR DIFFUSION, HANGING DROP' 
_exptl_crystal_grow.method_ref      ? 
_exptl_crystal_grow.pH              7.0 
_exptl_crystal_grow.pressure        ? 
_exptl_crystal_grow.pressure_esd    ? 
_exptl_crystal_grow.seeding         ? 
_exptl_crystal_grow.seeding_ref     ? 
_exptl_crystal_grow.temp            292 
_exptl_crystal_grow.temp_details    ? 
_exptl_crystal_grow.temp_esd        ? 
_exptl_crystal_grow.time            ? 
_exptl_crystal_grow.pdbx_details    'HANGING DROP, 19 DEG C' 
_exptl_crystal_grow.pdbx_pH_range   ? 
# 
_diffrn.ambient_environment    ? 
_diffrn.ambient_temp           113 
_diffrn.ambient_temp_details   ? 
_diffrn.ambient_temp_esd       ? 
_diffrn.crystal_id             1 
_diffrn.crystal_support        ? 
_diffrn.crystal_treatment      ? 
_diffrn.details                ? 
_diffrn.id                     1 
_diffrn.ambient_pressure       ? 
_diffrn.ambient_pressure_esd   ? 
_diffrn.ambient_pressure_gt    ? 
_diffrn.ambient_pressure_lt    ? 
_diffrn.ambient_temp_gt        ? 
_diffrn.ambient_temp_lt        ? 
# 
_diffrn_detector.details                      'OSMIC  OPTICS' 
_diffrn_detector.detector                     'IMAGE PLATE' 
_diffrn_detector.diffrn_id                    1 
_diffrn_detector.type                         'MAR scanner 345 mm plate' 
_diffrn_detector.area_resol_mean              ? 
_diffrn_detector.dtime                        ? 
_diffrn_detector.pdbx_frames_total            ? 
_diffrn_detector.pdbx_collection_time_total   ? 
_diffrn_detector.pdbx_collection_date         2001-01-25 
# 
_diffrn_radiation.collimation                      ? 
_diffrn_radiation.diffrn_id                        1 
_diffrn_radiation.filter_edge                      ? 
_diffrn_radiation.inhomogeneity                    ? 
_diffrn_radiation.monochromator                    GRAPHITE 
_diffrn_radiation.polarisn_norm                    ? 
_diffrn_radiation.polarisn_ratio                   ? 
_diffrn_radiation.probe                            ? 
_diffrn_radiation.type                             ? 
_diffrn_radiation.xray_symbol                      ? 
_diffrn_radiation.wavelength_id                    1 
_diffrn_radiation.pdbx_monochromatic_or_laue_m_l   M 
_diffrn_radiation.pdbx_wavelength_list             ? 
_diffrn_radiation.pdbx_wavelength                  ? 
_diffrn_radiation.pdbx_diffrn_protocol             'SINGLE WAVELENGTH' 
_diffrn_radiation.pdbx_analyzer                    ? 
_diffrn_radiation.pdbx_scattering_type             x-ray 
# 
_diffrn_radiation_wavelength.id           1 
_diffrn_radiation_wavelength.wavelength   1.54179 
_diffrn_radiation_wavelength.wt           1.0 
# 
_diffrn_source.current                     ? 
_diffrn_source.details                     ? 
_diffrn_source.diffrn_id                   1 
_diffrn_source.power                       ? 
_diffrn_source.size                        ? 
_diffrn_source.source                      'ROTATING ANODE' 
_diffrn_source.target                      ? 
_diffrn_source.type                        'RIGAKU RUH3R' 
_diffrn_source.voltage                     ? 
_diffrn_source.take-off_angle              ? 
_diffrn_source.pdbx_wavelength_list        1.54179 
_diffrn_source.pdbx_wavelength             ? 
_diffrn_source.pdbx_synchrotron_beamline   ? 
_diffrn_source.pdbx_synchrotron_site       ? 
# 
_reflns.B_iso_Wilson_estimate            ? 
_reflns.entry_id                         5DAM 
_reflns.data_reduction_details           ? 
_reflns.data_reduction_method            ? 
_reflns.d_resolution_high                1.95 
_reflns.d_resolution_low                 10.0 
_reflns.details                          ? 
_reflns.limit_h_max                      ? 
_reflns.limit_h_min                      ? 
_reflns.limit_k_max                      ? 
_reflns.limit_k_min                      ? 
_reflns.limit_l_max                      ? 
_reflns.limit_l_min                      ? 
_reflns.number_all                       ? 
_reflns.number_obs                       4783 
_reflns.observed_criterion               ? 
_reflns.observed_criterion_F_max         ? 
_reflns.observed_criterion_F_min         ? 
_reflns.observed_criterion_I_max         ? 
_reflns.observed_criterion_I_min         ? 
_reflns.observed_criterion_sigma_F       ? 
_reflns.observed_criterion_sigma_I       ? 
_reflns.percent_possible_obs             94.2 
_reflns.R_free_details                   ? 
_reflns.Rmerge_F_all                     ? 
_reflns.Rmerge_F_obs                     ? 
_reflns.Friedel_coverage                 ? 
_reflns.number_gt                        ? 
_reflns.threshold_expression             ? 
_reflns.pdbx_redundancy                  4.21 
_reflns.pdbx_Rmerge_I_obs                0.057 
_reflns.pdbx_Rmerge_I_all                ? 
_reflns.pdbx_Rsym_value                  0.049 
_reflns.pdbx_netI_over_av_sigmaI         ? 
_reflns.pdbx_netI_over_sigmaI            22.17 
_reflns.pdbx_res_netI_over_av_sigmaI_2   ? 
_reflns.pdbx_res_netI_over_sigmaI_2      ? 
_reflns.pdbx_chi_squared                 ? 
_reflns.pdbx_scaling_rejects             ? 
_reflns.pdbx_d_res_high_opt              ? 
_reflns.pdbx_d_res_low_opt               ? 
_reflns.pdbx_d_res_opt_method            ? 
_reflns.phase_calculation_details        ? 
_reflns.pdbx_Rrim_I_all                  ? 
_reflns.pdbx_Rpim_I_all                  ? 
_reflns.pdbx_d_opt                       ? 
_reflns.pdbx_number_measured_all         ? 
_reflns.pdbx_diffrn_id                   1 
_reflns.pdbx_ordinal                     1 
_reflns.pdbx_CC_half                     ? 
_reflns.pdbx_R_split                     ? 
# 
_reflns_shell.d_res_high                  1.95 
_reflns_shell.d_res_low                   2.02 
_reflns_shell.meanI_over_sigI_all         ? 
_reflns_shell.meanI_over_sigI_obs         5.62 
_reflns_shell.number_measured_all         ? 
_reflns_shell.number_measured_obs         ? 
_reflns_shell.number_possible             ? 
_reflns_shell.number_unique_all           ? 
_reflns_shell.number_unique_obs           ? 
_reflns_shell.percent_possible_all        91.7 
_reflns_shell.percent_possible_obs        ? 
_reflns_shell.Rmerge_F_all                ? 
_reflns_shell.Rmerge_F_obs                ? 
_reflns_shell.Rmerge_I_all                ? 
_reflns_shell.Rmerge_I_obs                0.226 
_reflns_shell.meanI_over_sigI_gt          ? 
_reflns_shell.meanI_over_uI_all           ? 
_reflns_shell.meanI_over_uI_gt            ? 
_reflns_shell.number_measured_gt          ? 
_reflns_shell.number_unique_gt            ? 
_reflns_shell.percent_possible_gt         ? 
_reflns_shell.Rmerge_F_gt                 ? 
_reflns_shell.Rmerge_I_gt                 ? 
_reflns_shell.pdbx_redundancy             ? 
_reflns_shell.pdbx_Rsym_value             0.223 
_reflns_shell.pdbx_chi_squared            ? 
_reflns_shell.pdbx_netI_over_sigmaI_all   ? 
_reflns_shell.pdbx_netI_over_sigmaI_obs   ? 
_reflns_shell.pdbx_Rrim_I_all             ? 
_reflns_shell.pdbx_Rpim_I_all             ? 
_reflns_shell.pdbx_rejects                ? 
_reflns_shell.pdbx_ordinal                1 
_reflns_shell.pdbx_diffrn_id              1 
_reflns_shell.pdbx_CC_half                ? 
_reflns_shell.pdbx_R_split                ? 
# 
_refine.aniso_B[1][1]                            ? 
_refine.aniso_B[1][2]                            ? 
_refine.aniso_B[1][3]                            ? 
_refine.aniso_B[2][2]                            ? 
_refine.aniso_B[2][3]                            ? 
_refine.aniso_B[3][3]                            ? 
_refine.B_iso_max                                ? 
_refine.B_iso_mean                               ? 
_refine.B_iso_min                                ? 
_refine.correlation_coeff_Fo_to_Fc               ? 
_refine.correlation_coeff_Fo_to_Fc_free          ? 
_refine.details                                  ? 
_refine.diff_density_max                         ? 
_refine.diff_density_max_esd                     ? 
_refine.diff_density_min                         ? 
_refine.diff_density_min_esd                     ? 
_refine.diff_density_rms                         ? 
_refine.diff_density_rms_esd                     ? 
_refine.entry_id                                 5DAM 
_refine.pdbx_refine_id                           'X-RAY DIFFRACTION' 
_refine.ls_abs_structure_details                 ? 
_refine.ls_abs_structure_Flack                   ? 
_refine.ls_abs_structure_Flack_esd               ? 
_refine.ls_abs_structure_Rogers                  ? 
_refine.ls_abs_structure_Rogers_esd              ? 
_refine.ls_d_res_high                            1.95 
_refine.ls_d_res_low                             10.00 
_refine.ls_extinction_coef                       ? 
_refine.ls_extinction_coef_esd                   ? 
_refine.ls_extinction_expression                 ? 
_refine.ls_extinction_method                     ? 
_refine.ls_goodness_of_fit_all                   ? 
_refine.ls_goodness_of_fit_all_esd               ? 
_refine.ls_goodness_of_fit_obs                   ? 
_refine.ls_goodness_of_fit_obs_esd               ? 
_refine.ls_hydrogen_treatment                    ? 
_refine.ls_matrix_type                           ? 
_refine.ls_number_constraints                    ? 
_refine.ls_number_parameters                     2619 
_refine.ls_number_reflns_all                     4270 
_refine.ls_number_reflns_obs                     4270 
_refine.ls_number_reflns_R_free                  477 
_refine.ls_number_reflns_R_work                  ? 
_refine.ls_number_restraints                     2589 
_refine.ls_percent_reflns_obs                    85.4 
_refine.ls_percent_reflns_R_free                 11.2 
_refine.ls_R_factor_all                          0.1856 
_refine.ls_R_factor_obs                          0.1783 
_refine.ls_R_factor_R_free                       0.2972 
_refine.ls_R_factor_R_free_error                 ? 
_refine.ls_R_factor_R_free_error_details         ? 
_refine.ls_R_factor_R_work                       0.1783 
_refine.ls_R_Fsqd_factor_obs                     ? 
_refine.ls_R_I_factor_obs                        ? 
_refine.ls_redundancy_reflns_all                 ? 
_refine.ls_redundancy_reflns_obs                 ? 
_refine.ls_restrained_S_all                      ? 
_refine.ls_restrained_S_obs                      ? 
_refine.ls_shift_over_esd_max                    ? 
_refine.ls_shift_over_esd_mean                   ? 
_refine.ls_structure_factor_coef                 ? 
_refine.ls_weighting_details                     ? 
_refine.ls_weighting_scheme                      ? 
_refine.ls_wR_factor_all                         ? 
_refine.ls_wR_factor_obs                         ? 
_refine.ls_wR_factor_R_free                      ? 
_refine.ls_wR_factor_R_work                      ? 
_refine.occupancy_max                            ? 
_refine.occupancy_min                            ? 
_refine.solvent_model_details                    ? 
_refine.solvent_model_param_bsol                 ? 
_refine.solvent_model_param_ksol                 ? 
_refine.ls_R_factor_gt                           ? 
_refine.ls_goodness_of_fit_gt                    ? 
_refine.ls_goodness_of_fit_ref                   ? 
_refine.ls_shift_over_su_max                     ? 
_refine.ls_shift_over_su_max_lt                  ? 
_refine.ls_shift_over_su_mean                    ? 
_refine.ls_shift_over_su_mean_lt                 ? 
_refine.pdbx_ls_sigma_I                          ? 
_refine.pdbx_ls_sigma_F                          0.0 
_refine.pdbx_ls_sigma_Fsqd                       ? 
_refine.pdbx_data_cutoff_high_absF               ? 
_refine.pdbx_data_cutoff_high_rms_absF           ? 
_refine.pdbx_data_cutoff_low_absF                ? 
_refine.pdbx_isotropic_thermal_model             ? 
_refine.pdbx_ls_cross_valid_method               'FREE R-VALUE' 
_refine.pdbx_method_to_determine_struct          'MOLECULAR REPLACEMENT' 
_refine.pdbx_starting_model                      'NDB ID GDL039' 
_refine.pdbx_stereochemistry_target_values       'ENGH AND HUBER' 
_refine.pdbx_R_Free_selection_details            RANDOM 
_refine.pdbx_stereochem_target_val_spec_case     ? 
_refine.pdbx_overall_ESU_R                       ? 
_refine.pdbx_overall_ESU_R_Free                  ? 
_refine.pdbx_solvent_vdw_probe_radii             ? 
_refine.pdbx_solvent_ion_probe_radii             ? 
_refine.pdbx_solvent_shrinkage_radii             ? 
_refine.pdbx_real_space_R                        ? 
_refine.pdbx_density_correlation                 ? 
_refine.pdbx_pd_number_of_powder_patterns        ? 
_refine.pdbx_pd_number_of_points                 ? 
_refine.pdbx_pd_meas_number_of_points            ? 
_refine.pdbx_pd_proc_ls_prof_R_factor            ? 
_refine.pdbx_pd_proc_ls_prof_wR_factor           ? 
_refine.pdbx_pd_Marquardt_correlation_coeff      ? 
_refine.pdbx_pd_Fsqrd_R_factor                   ? 
_refine.pdbx_pd_ls_matrix_band_width             ? 
_refine.pdbx_overall_phase_error                 ? 
_refine.pdbx_overall_SU_R_free_Cruickshank_DPI   ? 
_refine.pdbx_overall_SU_R_free_Blow_DPI          ? 
_refine.pdbx_overall_SU_R_Blow_DPI               ? 
_refine.pdbx_TLS_residual_ADP_flag               ? 
_refine.pdbx_diffrn_id                           1 
_refine.overall_SU_B                             ? 
_refine.overall_SU_ML                            ? 
_refine.overall_SU_R_Cruickshank_DPI             ? 
_refine.overall_SU_R_free                        ? 
_refine.overall_FOM_free_R_set                   ? 
_refine.overall_FOM_work_R_set                   ? 
_refine.pdbx_average_fsc_overall                 ? 
_refine.pdbx_average_fsc_work                    ? 
_refine.pdbx_average_fsc_free                    ? 
# 
_refine_analyze.entry_id                        5DAM 
_refine_analyze.pdbx_refine_id                  'X-RAY DIFFRACTION' 
_refine_analyze.Luzzati_coordinate_error_free   ? 
_refine_analyze.Luzzati_coordinate_error_obs    ? 
_refine_analyze.Luzzati_d_res_low_free          ? 
_refine_analyze.Luzzati_d_res_low_obs           ? 
_refine_analyze.Luzzati_sigma_a_free            ? 
_refine_analyze.Luzzati_sigma_a_free_details    ? 
_refine_analyze.Luzzati_sigma_a_obs             ? 
_refine_analyze.Luzzati_sigma_a_obs_details     ? 
_refine_analyze.number_disordered_residues      0 
_refine_analyze.occupancy_sum_hydrogen          0.00 
_refine_analyze.occupancy_sum_non_hydrogen      653.79 
_refine_analyze.RG_d_res_high                   ? 
_refine_analyze.RG_d_res_low                    ? 
_refine_analyze.RG_free                         ? 
_refine_analyze.RG_work                         ? 
_refine_analyze.RG_free_work_ratio              ? 
_refine_analyze.pdbx_Luzzati_d_res_high_obs     ? 
# 
_refine_hist.pdbx_refine_id                   'X-RAY DIFFRACTION' 
_refine_hist.cycle_id                         LAST 
_refine_hist.pdbx_number_atoms_protein        0 
_refine_hist.pdbx_number_atoms_nucleic_acid   486 
_refine_hist.pdbx_number_atoms_ligand         1 
_refine_hist.number_atoms_solvent             135 
_refine_hist.number_atoms_total               622 
_refine_hist.d_res_high                       1.95 
_refine_hist.d_res_low                        10.00 
# 
loop_
_refine_ls_restr.pdbx_refine_id 
_refine_ls_restr.criterion 
_refine_ls_restr.dev_ideal 
_refine_ls_restr.dev_ideal_target 
_refine_ls_restr.number 
_refine_ls_restr.rejects 
_refine_ls_restr.type 
_refine_ls_restr.weight 
_refine_ls_restr.pdbx_restraint_function 
'X-RAY DIFFRACTION' ? 0.008  ? ? ? s_bond_d               ? ? 
'X-RAY DIFFRACTION' ? 0.027  ? ? ? s_angle_d              ? ? 
'X-RAY DIFFRACTION' ? 0.000  ? ? ? s_similar_dist         ? ? 
'X-RAY DIFFRACTION' ? 0.0086 ? ? ? s_from_restr_planes    ? ? 
'X-RAY DIFFRACTION' ? 0.000  ? ? ? s_zero_chiral_vol      ? ? 
'X-RAY DIFFRACTION' ? 0.007  ? ? ? s_non_zero_chiral_vol  ? ? 
'X-RAY DIFFRACTION' ? 0.011  ? ? ? s_anti_bump_dis_restr  ? ? 
'X-RAY DIFFRACTION' ? 0.000  ? ? ? s_rigid_bond_adp_cmpnt ? ? 
'X-RAY DIFFRACTION' ? 0.069  ? ? ? s_similar_adp_cmpnt    ? ? 
'X-RAY DIFFRACTION' ? 0.000  ? ? ? s_approx_iso_adps      ? ? 
# 
_pdbx_refine.pdbx_refine_id                              'X-RAY DIFFRACTION' 
_pdbx_refine.entry_id                                    5DAM 
_pdbx_refine.R_factor_all_no_cutoff                      0.1856 
_pdbx_refine.R_factor_obs_no_cutoff                      0.1783 
_pdbx_refine.free_R_factor_no_cutoff                     0.2972 
_pdbx_refine.free_R_error_no_cutoff                      ? 
_pdbx_refine.free_R_val_test_set_size_perc_no_cutoff     11.2 
_pdbx_refine.free_R_val_test_set_ct_no_cutoff            477 
_pdbx_refine.R_factor_all_4sig_cutoff                    0.1717 
_pdbx_refine.R_factor_obs_4sig_cutoff                    0.1645 
_pdbx_refine.free_R_factor_4sig_cutoff                   0.2750 
_pdbx_refine.free_R_val_test_set_size_perc_4sig_cutoff   11.2 
_pdbx_refine.free_R_val_test_set_ct_4sig_cutoff          418 
_pdbx_refine.number_reflns_obs_4sig_cutoff               3741 
# 
_struct.entry_id                     5DAM 
_struct.title                        'Crystal Structure of p-iodoHoechst bound to d(CGCAAATTTGCG)' 
_struct.pdbx_model_details           ? 
_struct.pdbx_formula_weight          ? 
_struct.pdbx_formula_weight_method   ? 
_struct.pdbx_model_type_details      ? 
_struct.pdbx_CASP_flag               ? 
# 
_struct_keywords.entry_id        5DAM 
_struct_keywords.text            'Minor groove binder DNA, DNA' 
_struct_keywords.pdbx_keywords   DNA 
# 
loop_
_struct_asym.id 
_struct_asym.pdbx_blank_PDB_chainid_flag 
_struct_asym.pdbx_modified 
_struct_asym.entity_id 
_struct_asym.details 
A N N 1 ? 
B N N 1 ? 
C N N 2 ? 
D N N 3 ? 
E N N 4 ? 
F N N 4 ? 
# 
_struct_ref.id                         1 
_struct_ref.db_name                    PDB 
_struct_ref.db_code                    5DAM 
_struct_ref.pdbx_db_accession          5DAM 
_struct_ref.pdbx_db_isoform            ? 
_struct_ref.entity_id                  1 
_struct_ref.pdbx_seq_one_letter_code   ? 
_struct_ref.pdbx_align_begin           1 
# 
loop_
_struct_ref_seq.align_id 
_struct_ref_seq.ref_id 
_struct_ref_seq.pdbx_PDB_id_code 
_struct_ref_seq.pdbx_strand_id 
_struct_ref_seq.seq_align_beg 
_struct_ref_seq.pdbx_seq_align_beg_ins_code 
_struct_ref_seq.seq_align_end 
_struct_ref_seq.pdbx_seq_align_end_ins_code 
_struct_ref_seq.pdbx_db_accession 
_struct_ref_seq.db_align_beg 
_struct_ref_seq.pdbx_db_align_beg_ins_code 
_struct_ref_seq.db_align_end 
_struct_ref_seq.pdbx_db_align_end_ins_code 
_struct_ref_seq.pdbx_auth_seq_align_beg 
_struct_ref_seq.pdbx_auth_seq_align_end 
1 1 5DAM A 1 ? 12 ? 5DAM 1 ? 12 ? 1 12 
2 1 5DAM B 1 ? 12 ? 5DAM 1 ? 12 ? 1 12 
# 
_pdbx_struct_assembly.id                   1 
_pdbx_struct_assembly.details              author_and_software_defined_assembly 
_pdbx_struct_assembly.method_details       PISA 
_pdbx_struct_assembly.oligomeric_details   dimeric 
_pdbx_struct_assembly.oligomeric_count     2 
# 
loop_
_pdbx_struct_assembly_prop.biol_id 
_pdbx_struct_assembly_prop.type 
_pdbx_struct_assembly_prop.value 
_pdbx_struct_assembly_prop.details 
1 'ABSA (A^2)' 1550 ? 
1 MORE         -6   ? 
1 'SSA (A^2)'  4390 ? 
# 
_pdbx_struct_assembly_gen.assembly_id       1 
_pdbx_struct_assembly_gen.oper_expression   1 
_pdbx_struct_assembly_gen.asym_id_list      A,B,C,D,E,F 
# 
_pdbx_struct_oper_list.id                   1 
_pdbx_struct_oper_list.type                 'identity operation' 
_pdbx_struct_oper_list.name                 1_555 
_pdbx_struct_oper_list.symmetry_operation   x,y,z 
_pdbx_struct_oper_list.matrix[1][1]         1.0000000000 
_pdbx_struct_oper_list.matrix[1][2]         0.0000000000 
_pdbx_struct_oper_list.matrix[1][3]         0.0000000000 
_pdbx_struct_oper_list.vector[1]            0.0000000000 
_pdbx_struct_oper_list.matrix[2][1]         0.0000000000 
_pdbx_struct_oper_list.matrix[2][2]         1.0000000000 
_pdbx_struct_oper_list.matrix[2][3]         0.0000000000 
_pdbx_struct_oper_list.vector[2]            0.0000000000 
_pdbx_struct_oper_list.matrix[3][1]         0.0000000000 
_pdbx_struct_oper_list.matrix[3][2]         0.0000000000 
_pdbx_struct_oper_list.matrix[3][3]         1.0000000000 
_pdbx_struct_oper_list.vector[3]            0.0000000000 
# 
loop_
_struct_conn.id 
_struct_conn.conn_type_id 
_struct_conn.pdbx_leaving_atom_flag 
_struct_conn.pdbx_PDB_id 
_struct_conn.ptnr1_label_asym_id 
_struct_conn.ptnr1_label_comp_id 
_struct_conn.ptnr1_label_seq_id 
_struct_conn.ptnr1_label_atom_id 
_struct_conn.pdbx_ptnr1_label_alt_id 
_struct_conn.pdbx_ptnr1_PDB_ins_code 
_struct_conn.pdbx_ptnr1_standard_comp_id 
_struct_conn.ptnr1_symmetry 
_struct_conn.ptnr2_label_asym_id 
_struct_conn.ptnr2_label_comp_id 
_struct_conn.ptnr2_label_seq_id 
_struct_conn.ptnr2_label_atom_id 
_struct_conn.pdbx_ptnr2_label_alt_id 
_struct_conn.pdbx_ptnr2_PDB_ins_code 
_struct_conn.ptnr1_auth_asym_id 
_struct_conn.ptnr1_auth_comp_id 
_struct_conn.ptnr1_auth_seq_id 
_struct_conn.ptnr2_auth_asym_id 
_struct_conn.ptnr2_auth_comp_id 
_struct_conn.ptnr2_auth_seq_id 
_struct_conn.ptnr2_symmetry 
_struct_conn.pdbx_ptnr3_label_atom_id 
_struct_conn.pdbx_ptnr3_label_seq_id 
_struct_conn.pdbx_ptnr3_label_comp_id 
_struct_conn.pdbx_ptnr3_label_asym_id 
_struct_conn.pdbx_ptnr3_label_alt_id 
_struct_conn.pdbx_ptnr3_PDB_ins_code 
_struct_conn.details 
_struct_conn.pdbx_dist_value 
_struct_conn.pdbx_value_order 
_struct_conn.pdbx_role 
metalc1  metalc ? ? D MG .  MG ? ? ? 1_555 E HOH .  O  ? ? A MG 202 A HOH 318 1_555 ? ? ? ? ? ? ?            2.114 ? ? 
metalc2  metalc ? ? D MG .  MG ? ? ? 1_555 E HOH .  O  ? ? A MG 202 A HOH 325 1_555 ? ? ? ? ? ? ?            2.126 ? ? 
metalc3  metalc ? ? D MG .  MG ? ? ? 1_555 E HOH .  O  ? ? A MG 202 A HOH 329 3_657 ? ? ? ? ? ? ?            2.124 ? ? 
metalc4  metalc ? ? D MG .  MG ? ? ? 1_555 E HOH .  O  ? ? A MG 202 A HOH 340 3_657 ? ? ? ? ? ? ?            2.128 ? ? 
metalc5  metalc ? ? D MG .  MG ? ? ? 1_555 E HOH .  O  ? ? A MG 202 A HOH 347 3_657 ? ? ? ? ? ? ?            2.123 ? ? 
metalc6  metalc ? ? D MG .  MG ? ? ? 1_555 F HOH .  O  ? ? A MG 202 B HOH 105 1_555 ? ? ? ? ? ? ?            2.129 ? ? 
hydrog1  hydrog ? ? A DC 1  N3 ? ? ? 1_555 B DG  12 N1 ? ? A DC 1   B DG  12  1_555 ? ? ? ? ? ? WATSON-CRICK ?     ? ? 
hydrog2  hydrog ? ? A DC 1  N4 ? ? ? 1_555 B DG  12 O6 ? ? A DC 1   B DG  12  1_555 ? ? ? ? ? ? WATSON-CRICK ?     ? ? 
hydrog3  hydrog ? ? A DC 1  O2 ? ? ? 1_555 B DG  12 N2 ? ? A DC 1   B DG  12  1_555 ? ? ? ? ? ? WATSON-CRICK ?     ? ? 
hydrog4  hydrog ? ? A DG 2  N1 ? ? ? 1_555 B DC  11 N3 ? ? A DG 2   B DC  11  1_555 ? ? ? ? ? ? WATSON-CRICK ?     ? ? 
hydrog5  hydrog ? ? A DG 2  N2 ? ? ? 1_555 B DC  11 O2 ? ? A DG 2   B DC  11  1_555 ? ? ? ? ? ? WATSON-CRICK ?     ? ? 
hydrog6  hydrog ? ? A DG 2  O6 ? ? ? 1_555 B DC  11 N4 ? ? A DG 2   B DC  11  1_555 ? ? ? ? ? ? WATSON-CRICK ?     ? ? 
hydrog7  hydrog ? ? A DC 3  N3 ? ? ? 1_555 B DG  10 N1 ? ? A DC 3   B DG  10  1_555 ? ? ? ? ? ? WATSON-CRICK ?     ? ? 
hydrog8  hydrog ? ? A DC 3  N4 ? ? ? 1_555 B DG  10 O6 ? ? A DC 3   B DG  10  1_555 ? ? ? ? ? ? WATSON-CRICK ?     ? ? 
hydrog9  hydrog ? ? A DC 3  O2 ? ? ? 1_555 B DG  10 N2 ? ? A DC 3   B DG  10  1_555 ? ? ? ? ? ? WATSON-CRICK ?     ? ? 
hydrog10 hydrog ? ? A DA 4  N1 ? ? ? 1_555 B DT  9  N3 ? ? A DA 4   B DT  9   1_555 ? ? ? ? ? ? WATSON-CRICK ?     ? ? 
hydrog11 hydrog ? ? A DA 4  N6 ? ? ? 1_555 B DT  9  O4 ? ? A DA 4   B DT  9   1_555 ? ? ? ? ? ? WATSON-CRICK ?     ? ? 
hydrog12 hydrog ? ? A DA 5  N1 ? ? ? 1_555 B DT  8  N3 ? ? A DA 5   B DT  8   1_555 ? ? ? ? ? ? WATSON-CRICK ?     ? ? 
hydrog13 hydrog ? ? A DA 5  N6 ? ? ? 1_555 B DT  8  O4 ? ? A DA 5   B DT  8   1_555 ? ? ? ? ? ? WATSON-CRICK ?     ? ? 
hydrog14 hydrog ? ? A DA 6  N1 ? ? ? 1_555 B DT  7  N3 ? ? A DA 6   B DT  7   1_555 ? ? ? ? ? ? WATSON-CRICK ?     ? ? 
hydrog15 hydrog ? ? A DA 6  N6 ? ? ? 1_555 B DT  7  O4 ? ? A DA 6   B DT  7   1_555 ? ? ? ? ? ? WATSON-CRICK ?     ? ? 
hydrog16 hydrog ? ? A DT 7  N3 ? ? ? 1_555 B DA  6  N1 ? ? A DT 7   B DA  6   1_555 ? ? ? ? ? ? WATSON-CRICK ?     ? ? 
hydrog17 hydrog ? ? A DT 7  O4 ? ? ? 1_555 B DA  6  N6 ? ? A DT 7   B DA  6   1_555 ? ? ? ? ? ? WATSON-CRICK ?     ? ? 
hydrog18 hydrog ? ? A DT 8  N3 ? ? ? 1_555 B DA  5  N1 ? ? A DT 8   B DA  5   1_555 ? ? ? ? ? ? WATSON-CRICK ?     ? ? 
hydrog19 hydrog ? ? A DT 8  O4 ? ? ? 1_555 B DA  5  N6 ? ? A DT 8   B DA  5   1_555 ? ? ? ? ? ? WATSON-CRICK ?     ? ? 
hydrog20 hydrog ? ? A DT 9  N3 ? ? ? 1_555 B DA  4  N1 ? ? A DT 9   B DA  4   1_555 ? ? ? ? ? ? WATSON-CRICK ?     ? ? 
hydrog21 hydrog ? ? A DT 9  O4 ? ? ? 1_555 B DA  4  N6 ? ? A DT 9   B DA  4   1_555 ? ? ? ? ? ? WATSON-CRICK ?     ? ? 
hydrog22 hydrog ? ? A DG 10 N1 ? ? ? 1_555 B DC  3  N3 ? ? A DG 10  B DC  3   1_555 ? ? ? ? ? ? WATSON-CRICK ?     ? ? 
hydrog23 hydrog ? ? A DG 10 N2 ? ? ? 1_555 B DC  3  O2 ? ? A DG 10  B DC  3   1_555 ? ? ? ? ? ? WATSON-CRICK ?     ? ? 
hydrog24 hydrog ? ? A DG 10 O6 ? ? ? 1_555 B DC  3  N4 ? ? A DG 10  B DC  3   1_555 ? ? ? ? ? ? WATSON-CRICK ?     ? ? 
hydrog25 hydrog ? ? A DC 11 N3 ? ? ? 1_555 B DG  2  N1 ? ? A DC 11  B DG  2   1_555 ? ? ? ? ? ? WATSON-CRICK ?     ? ? 
hydrog26 hydrog ? ? A DC 11 N4 ? ? ? 1_555 B DG  2  O6 ? ? A DC 11  B DG  2   1_555 ? ? ? ? ? ? WATSON-CRICK ?     ? ? 
hydrog27 hydrog ? ? A DC 11 O2 ? ? ? 1_555 B DG  2  N2 ? ? A DC 11  B DG  2   1_555 ? ? ? ? ? ? WATSON-CRICK ?     ? ? 
hydrog28 hydrog ? ? A DG 12 N1 ? ? ? 1_555 B DC  1  N3 ? ? A DG 12  B DC  1   1_555 ? ? ? ? ? ? WATSON-CRICK ?     ? ? 
hydrog29 hydrog ? ? A DG 12 N2 ? ? ? 1_555 B DC  1  O2 ? ? A DG 12  B DC  1   1_555 ? ? ? ? ? ? WATSON-CRICK ?     ? ? 
hydrog30 hydrog ? ? A DG 12 O6 ? ? ? 1_555 B DC  1  N4 ? ? A DG 12  B DC  1   1_555 ? ? ? ? ? ? WATSON-CRICK ?     ? ? 
# 
loop_
_struct_conn_type.id 
_struct_conn_type.criteria 
_struct_conn_type.reference 
metalc ? ? 
hydrog ? ? 
# 
loop_
_pdbx_struct_conn_angle.id 
_pdbx_struct_conn_angle.ptnr1_label_atom_id 
_pdbx_struct_conn_angle.ptnr1_label_alt_id 
_pdbx_struct_conn_angle.ptnr1_label_asym_id 
_pdbx_struct_conn_angle.ptnr1_label_comp_id 
_pdbx_struct_conn_angle.ptnr1_label_seq_id 
_pdbx_struct_conn_angle.ptnr1_auth_atom_id 
_pdbx_struct_conn_angle.ptnr1_auth_asym_id 
_pdbx_struct_conn_angle.ptnr1_auth_comp_id 
_pdbx_struct_conn_angle.ptnr1_auth_seq_id 
_pdbx_struct_conn_angle.ptnr1_PDB_ins_code 
_pdbx_struct_conn_angle.ptnr1_symmetry 
_pdbx_struct_conn_angle.ptnr2_label_atom_id 
_pdbx_struct_conn_angle.ptnr2_label_alt_id 
_pdbx_struct_conn_angle.ptnr2_label_asym_id 
_pdbx_struct_conn_angle.ptnr2_label_comp_id 
_pdbx_struct_conn_angle.ptnr2_label_seq_id 
_pdbx_struct_conn_angle.ptnr2_auth_atom_id 
_pdbx_struct_conn_angle.ptnr2_auth_asym_id 
_pdbx_struct_conn_angle.ptnr2_auth_comp_id 
_pdbx_struct_conn_angle.ptnr2_auth_seq_id 
_pdbx_struct_conn_angle.ptnr2_PDB_ins_code 
_pdbx_struct_conn_angle.ptnr2_symmetry 
_pdbx_struct_conn_angle.ptnr3_label_atom_id 
_pdbx_struct_conn_angle.ptnr3_label_alt_id 
_pdbx_struct_conn_angle.ptnr3_label_asym_id 
_pdbx_struct_conn_angle.ptnr3_label_comp_id 
_pdbx_struct_conn_angle.ptnr3_label_seq_id 
_pdbx_struct_conn_angle.ptnr3_auth_atom_id 
_pdbx_struct_conn_angle.ptnr3_auth_asym_id 
_pdbx_struct_conn_angle.ptnr3_auth_comp_id 
_pdbx_struct_conn_angle.ptnr3_auth_seq_id 
_pdbx_struct_conn_angle.ptnr3_PDB_ins_code 
_pdbx_struct_conn_angle.ptnr3_symmetry 
_pdbx_struct_conn_angle.value 
_pdbx_struct_conn_angle.value_esd 
1  O ? E HOH . ? A HOH 318 ? 1_555 MG ? D MG . ? A MG 202 ? 1_555 O ? E HOH . ? A HOH 325 ? 1_555 91.5  ? 
2  O ? E HOH . ? A HOH 318 ? 1_555 MG ? D MG . ? A MG 202 ? 1_555 O ? E HOH . ? A HOH 329 ? 3_657 89.1  ? 
3  O ? E HOH . ? A HOH 325 ? 1_555 MG ? D MG . ? A MG 202 ? 1_555 O ? E HOH . ? A HOH 329 ? 3_657 90.8  ? 
4  O ? E HOH . ? A HOH 318 ? 1_555 MG ? D MG . ? A MG 202 ? 1_555 O ? E HOH . ? A HOH 340 ? 3_657 89.7  ? 
5  O ? E HOH . ? A HOH 325 ? 1_555 MG ? D MG . ? A MG 202 ? 1_555 O ? E HOH . ? A HOH 340 ? 3_657 178.1 ? 
6  O ? E HOH . ? A HOH 329 ? 3_657 MG ? D MG . ? A MG 202 ? 1_555 O ? E HOH . ? A HOH 340 ? 3_657 90.6  ? 
7  O ? E HOH . ? A HOH 318 ? 1_555 MG ? D MG . ? A MG 202 ? 1_555 O ? E HOH . ? A HOH 347 ? 3_657 178.5 ? 
8  O ? E HOH . ? A HOH 325 ? 1_555 MG ? D MG . ? A MG 202 ? 1_555 O ? E HOH . ? A HOH 347 ? 3_657 89.9  ? 
9  O ? E HOH . ? A HOH 329 ? 3_657 MG ? D MG . ? A MG 202 ? 1_555 O ? E HOH . ? A HOH 347 ? 3_657 90.5  ? 
10 O ? E HOH . ? A HOH 340 ? 3_657 MG ? D MG . ? A MG 202 ? 1_555 O ? E HOH . ? A HOH 347 ? 3_657 88.9  ? 
11 O ? E HOH . ? A HOH 318 ? 1_555 MG ? D MG . ? A MG 202 ? 1_555 O ? F HOH . ? B HOH 105 ? 1_555 89.7  ? 
12 O ? E HOH . ? A HOH 325 ? 1_555 MG ? D MG . ? A MG 202 ? 1_555 O ? F HOH . ? B HOH 105 ? 1_555 89.5  ? 
13 O ? E HOH . ? A HOH 329 ? 3_657 MG ? D MG . ? A MG 202 ? 1_555 O ? F HOH . ? B HOH 105 ? 1_555 178.7 ? 
14 O ? E HOH . ? A HOH 340 ? 3_657 MG ? D MG . ? A MG 202 ? 1_555 O ? F HOH . ? B HOH 105 ? 1_555 89.1  ? 
15 O ? E HOH . ? A HOH 347 ? 3_657 MG ? D MG . ? A MG 202 ? 1_555 O ? F HOH . ? B HOH 105 ? 1_555 90.7  ? 
# 
loop_
_struct_site.id 
_struct_site.pdbx_evidence_code 
_struct_site.pdbx_auth_asym_id 
_struct_site.pdbx_auth_comp_id 
_struct_site.pdbx_auth_seq_id 
_struct_site.pdbx_auth_ins_code 
_struct_site.pdbx_num_residues 
_struct_site.details 
AC1 Software A 58F 201 ? 12 'binding site for residue 58F A 201' 
AC2 Software A MG  202 ? 6  'binding site for residue MG A 202'  
# 
loop_
_struct_site_gen.id 
_struct_site_gen.site_id 
_struct_site_gen.pdbx_num_res 
_struct_site_gen.label_comp_id 
_struct_site_gen.label_asym_id 
_struct_site_gen.label_seq_id 
_struct_site_gen.pdbx_auth_ins_code 
_struct_site_gen.auth_comp_id 
_struct_site_gen.auth_asym_id 
_struct_site_gen.auth_seq_id 
_struct_site_gen.label_atom_id 
_struct_site_gen.label_alt_id 
_struct_site_gen.symmetry 
_struct_site_gen.details 
1  AC1 12 DT  A 7  ? DT  A 7   . ? 1_555 ? 
2  AC1 12 DT  A 8  ? DT  A 8   . ? 1_555 ? 
3  AC1 12 DT  A 9  ? DT  A 9   . ? 1_555 ? 
4  AC1 12 DG  A 10 ? DG  A 10  . ? 1_555 ? 
5  AC1 12 DC  A 11 ? DC  A 11  . ? 1_555 ? 
6  AC1 12 HOH E .  ? HOH A 312 . ? 1_555 ? 
7  AC1 12 HOH E .  ? HOH A 314 . ? 1_555 ? 
8  AC1 12 DA  B 5  ? DA  B 5   . ? 1_555 ? 
9  AC1 12 DA  B 6  ? DA  B 6   . ? 1_555 ? 
10 AC1 12 DT  B 7  ? DT  B 7   . ? 1_555 ? 
11 AC1 12 DT  B 8  ? DT  B 8   . ? 1_555 ? 
12 AC1 12 DG  B 12 ? DG  B 12  . ? 2_664 ? 
13 AC2 6  HOH E .  ? HOH A 318 . ? 1_555 ? 
14 AC2 6  HOH E .  ? HOH A 325 . ? 1_555 ? 
15 AC2 6  HOH E .  ? HOH A 329 . ? 3_657 ? 
16 AC2 6  HOH E .  ? HOH A 340 . ? 3_657 ? 
17 AC2 6  HOH E .  ? HOH A 347 . ? 3_657 ? 
18 AC2 6  HOH F .  ? HOH B 105 . ? 1_555 ? 
# 
loop_
_pdbx_validate_rmsd_angle.id 
_pdbx_validate_rmsd_angle.PDB_model_num 
_pdbx_validate_rmsd_angle.auth_atom_id_1 
_pdbx_validate_rmsd_angle.auth_asym_id_1 
_pdbx_validate_rmsd_angle.auth_comp_id_1 
_pdbx_validate_rmsd_angle.auth_seq_id_1 
_pdbx_validate_rmsd_angle.PDB_ins_code_1 
_pdbx_validate_rmsd_angle.label_alt_id_1 
_pdbx_validate_rmsd_angle.auth_atom_id_2 
_pdbx_validate_rmsd_angle.auth_asym_id_2 
_pdbx_validate_rmsd_angle.auth_comp_id_2 
_pdbx_validate_rmsd_angle.auth_seq_id_2 
_pdbx_validate_rmsd_angle.PDB_ins_code_2 
_pdbx_validate_rmsd_angle.label_alt_id_2 
_pdbx_validate_rmsd_angle.auth_atom_id_3 
_pdbx_validate_rmsd_angle.auth_asym_id_3 
_pdbx_validate_rmsd_angle.auth_comp_id_3 
_pdbx_validate_rmsd_angle.auth_seq_id_3 
_pdbx_validate_rmsd_angle.PDB_ins_code_3 
_pdbx_validate_rmsd_angle.label_alt_id_3 
_pdbx_validate_rmsd_angle.angle_value 
_pdbx_validate_rmsd_angle.angle_target_value 
_pdbx_validate_rmsd_angle.angle_deviation 
_pdbx_validate_rmsd_angle.angle_standard_deviation 
_pdbx_validate_rmsd_angle.linker_flag 
1  1 "O4'" A DC 1  ? ? "C1'" A DC 1  ? ? N1    A DC 1  ? ? 100.59 108.00 -7.41 0.70 N 
2  1 "O4'" A DG 2  ? ? "C1'" A DG 2  ? ? N9    A DG 2  ? ? 103.34 108.00 -4.66 0.70 N 
3  1 "C3'" A DG 2  ? ? "O3'" A DG 2  ? ? P     A DC 3  ? ? 127.22 119.70 7.52  1.20 Y 
4  1 N3    A DT 8  ? ? C2    A DT 8  ? ? O2    A DT 8  ? ? 118.41 122.30 -3.89 0.60 N 
5  1 N3    A DT 8  ? ? C4    A DT 8  ? ? O4    A DT 8  ? ? 116.23 119.90 -3.67 0.60 N 
6  1 N1    A DC 11 ? ? "C1'" A DC 11 ? ? "C2'" A DC 11 ? ? 123.10 114.30 8.80  1.40 N 
7  1 "O4'" A DC 11 ? ? "C1'" A DC 11 ? ? N1    A DC 11 ? ? 100.74 108.00 -7.26 0.70 N 
8  1 "O4'" A DG 12 ? ? "C1'" A DG 12 ? ? N9    A DG 12 ? ? 101.95 108.00 -6.05 0.70 N 
9  1 C5    A DG 12 ? ? C6    A DG 12 ? ? O6    A DG 12 ? ? 124.95 128.60 -3.65 0.60 N 
10 1 "O4'" B DC 3  ? ? "C1'" B DC 3  ? ? N1    B DC 3  ? ? 101.80 108.00 -6.20 0.70 N 
11 1 "O4'" B DA 5  ? ? "C1'" B DA 5  ? ? N9    B DA 5  ? ? 103.75 108.00 -4.25 0.70 N 
12 1 "O4'" B DG 10 ? ? "C1'" B DG 10 ? ? N9    B DG 10 ? ? 110.21 108.30 1.91  0.30 N 
# 
_pdbx_distant_solvent_atoms.id                                1 
_pdbx_distant_solvent_atoms.PDB_model_num                     1 
_pdbx_distant_solvent_atoms.auth_atom_id                      O 
_pdbx_distant_solvent_atoms.label_alt_id                      ? 
_pdbx_distant_solvent_atoms.auth_asym_id                      A 
_pdbx_distant_solvent_atoms.auth_comp_id                      HOH 
_pdbx_distant_solvent_atoms.auth_seq_id                       375 
_pdbx_distant_solvent_atoms.PDB_ins_code                      ? 
_pdbx_distant_solvent_atoms.neighbor_macromolecule_distance   5.95 
_pdbx_distant_solvent_atoms.neighbor_ligand_distance          . 
# 
loop_
_chem_comp_atom.comp_id 
_chem_comp_atom.atom_id 
_chem_comp_atom.type_symbol 
_chem_comp_atom.pdbx_aromatic_flag 
_chem_comp_atom.pdbx_stereo_config 
_chem_comp_atom.pdbx_ordinal 
58F C      C  Y N 1   
58F C1     C  Y N 2   
58F C2     C  Y N 3   
58F C3     C  Y N 4   
58F C4     C  Y N 5   
58F C5     C  Y N 6   
58F C6     C  Y N 7   
58F C7     C  Y N 8   
58F C8     C  Y N 9   
58F C9     C  Y N 10  
58F C10    C  Y N 11  
58F C11    C  Y N 12  
58F C12    C  Y N 13  
58F N1     N  Y N 14  
58F N2     N  Y N 15  
58F C13    C  Y N 16  
58F C14    C  Y N 17  
58F C15    C  Y N 18  
58F C16    C  Y N 19  
58F C17    C  Y N 20  
58F C18    C  Y N 21  
58F N3     N  Y N 22  
58F N4     N  Y N 23  
58F C19    C  Y N 24  
58F N5     N  N N 25  
58F N6     N  N N 26  
58F C20    C  N N 27  
58F C21    C  N N 28  
58F C22    C  N N 29  
58F C23    C  N N 30  
58F C24    C  N N 31  
58F I      I  N N 32  
58F H1     H  N N 33  
58F H2     H  N N 34  
58F H3     H  N N 35  
58F H4     H  N N 36  
58F H5     H  N N 37  
58F H6     H  N N 38  
58F H7     H  N N 39  
58F H8     H  N N 40  
58F H10    H  N N 41  
58F H11    H  N N 42  
58F H12    H  N N 43  
58F H14    H  N N 44  
58F H16    H  N N 45  
58F H17    H  N N 46  
58F H18    H  N N 47  
58F H19    H  N N 48  
58F H20    H  N N 49  
58F H21    H  N N 50  
58F H22    H  N N 51  
58F H23    H  N N 52  
58F H24    H  N N 53  
58F H25    H  N N 54  
58F H26    H  N N 55  
DA  OP3    O  N N 56  
DA  P      P  N N 57  
DA  OP1    O  N N 58  
DA  OP2    O  N N 59  
DA  "O5'"  O  N N 60  
DA  "C5'"  C  N N 61  
DA  "C4'"  C  N R 62  
DA  "O4'"  O  N N 63  
DA  "C3'"  C  N S 64  
DA  "O3'"  O  N N 65  
DA  "C2'"  C  N N 66  
DA  "C1'"  C  N R 67  
DA  N9     N  Y N 68  
DA  C8     C  Y N 69  
DA  N7     N  Y N 70  
DA  C5     C  Y N 71  
DA  C6     C  Y N 72  
DA  N6     N  N N 73  
DA  N1     N  Y N 74  
DA  C2     C  Y N 75  
DA  N3     N  Y N 76  
DA  C4     C  Y N 77  
DA  HOP3   H  N N 78  
DA  HOP2   H  N N 79  
DA  "H5'"  H  N N 80  
DA  "H5''" H  N N 81  
DA  "H4'"  H  N N 82  
DA  "H3'"  H  N N 83  
DA  "HO3'" H  N N 84  
DA  "H2'"  H  N N 85  
DA  "H2''" H  N N 86  
DA  "H1'"  H  N N 87  
DA  H8     H  N N 88  
DA  H61    H  N N 89  
DA  H62    H  N N 90  
DA  H2     H  N N 91  
DC  OP3    O  N N 92  
DC  P      P  N N 93  
DC  OP1    O  N N 94  
DC  OP2    O  N N 95  
DC  "O5'"  O  N N 96  
DC  "C5'"  C  N N 97  
DC  "C4'"  C  N R 98  
DC  "O4'"  O  N N 99  
DC  "C3'"  C  N S 100 
DC  "O3'"  O  N N 101 
DC  "C2'"  C  N N 102 
DC  "C1'"  C  N R 103 
DC  N1     N  N N 104 
DC  C2     C  N N 105 
DC  O2     O  N N 106 
DC  N3     N  N N 107 
DC  C4     C  N N 108 
DC  N4     N  N N 109 
DC  C5     C  N N 110 
DC  C6     C  N N 111 
DC  HOP3   H  N N 112 
DC  HOP2   H  N N 113 
DC  "H5'"  H  N N 114 
DC  "H5''" H  N N 115 
DC  "H4'"  H  N N 116 
DC  "H3'"  H  N N 117 
DC  "HO3'" H  N N 118 
DC  "H2'"  H  N N 119 
DC  "H2''" H  N N 120 
DC  "H1'"  H  N N 121 
DC  H41    H  N N 122 
DC  H42    H  N N 123 
DC  H5     H  N N 124 
DC  H6     H  N N 125 
DG  OP3    O  N N 126 
DG  P      P  N N 127 
DG  OP1    O  N N 128 
DG  OP2    O  N N 129 
DG  "O5'"  O  N N 130 
DG  "C5'"  C  N N 131 
DG  "C4'"  C  N R 132 
DG  "O4'"  O  N N 133 
DG  "C3'"  C  N S 134 
DG  "O3'"  O  N N 135 
DG  "C2'"  C  N N 136 
DG  "C1'"  C  N R 137 
DG  N9     N  Y N 138 
DG  C8     C  Y N 139 
DG  N7     N  Y N 140 
DG  C5     C  Y N 141 
DG  C6     C  N N 142 
DG  O6     O  N N 143 
DG  N1     N  N N 144 
DG  C2     C  N N 145 
DG  N2     N  N N 146 
DG  N3     N  N N 147 
DG  C4     C  Y N 148 
DG  HOP3   H  N N 149 
DG  HOP2   H  N N 150 
DG  "H5'"  H  N N 151 
DG  "H5''" H  N N 152 
DG  "H4'"  H  N N 153 
DG  "H3'"  H  N N 154 
DG  "HO3'" H  N N 155 
DG  "H2'"  H  N N 156 
DG  "H2''" H  N N 157 
DG  "H1'"  H  N N 158 
DG  H8     H  N N 159 
DG  H1     H  N N 160 
DG  H21    H  N N 161 
DG  H22    H  N N 162 
DT  OP3    O  N N 163 
DT  P      P  N N 164 
DT  OP1    O  N N 165 
DT  OP2    O  N N 166 
DT  "O5'"  O  N N 167 
DT  "C5'"  C  N N 168 
DT  "C4'"  C  N R 169 
DT  "O4'"  O  N N 170 
DT  "C3'"  C  N S 171 
DT  "O3'"  O  N N 172 
DT  "C2'"  C  N N 173 
DT  "C1'"  C  N R 174 
DT  N1     N  N N 175 
DT  C2     C  N N 176 
DT  O2     O  N N 177 
DT  N3     N  N N 178 
DT  C4     C  N N 179 
DT  O4     O  N N 180 
DT  C5     C  N N 181 
DT  C7     C  N N 182 
DT  C6     C  N N 183 
DT  HOP3   H  N N 184 
DT  HOP2   H  N N 185 
DT  "H5'"  H  N N 186 
DT  "H5''" H  N N 187 
DT  "H4'"  H  N N 188 
DT  "H3'"  H  N N 189 
DT  "HO3'" H  N N 190 
DT  "H2'"  H  N N 191 
DT  "H2''" H  N N 192 
DT  "H1'"  H  N N 193 
DT  H3     H  N N 194 
DT  H71    H  N N 195 
DT  H72    H  N N 196 
DT  H73    H  N N 197 
DT  H6     H  N N 198 
HOH O      O  N N 199 
HOH H1     H  N N 200 
HOH H2     H  N N 201 
MG  MG     MG N N 202 
# 
loop_
_chem_comp_bond.comp_id 
_chem_comp_bond.atom_id_1 
_chem_comp_bond.atom_id_2 
_chem_comp_bond.value_order 
_chem_comp_bond.pdbx_aromatic_flag 
_chem_comp_bond.pdbx_stereo_config 
_chem_comp_bond.pdbx_ordinal 
58F C24   N6     sing N N 1   
58F C21   N6     sing N N 2   
58F C21   C20    sing N N 3   
58F N6    C22    sing N N 4   
58F C20   N5     sing N N 5   
58F C22   C23    sing N N 6   
58F N5    C23    sing N N 7   
58F N5    C18    sing N N 8   
58F C17   C18    doub Y N 9   
58F C17   C16    sing Y N 10  
58F C18   C19    sing Y N 11  
58F C16   C15    doub Y N 12  
58F C19   C14    doub Y N 13  
58F C15   C14    sing Y N 14  
58F C15   N4     sing Y N 15  
58F C14   N3     sing Y N 16  
58F N4    C13    doub Y N 17  
58F N3    C13    sing Y N 18  
58F C13   C11    sing N N 19  
58F C11   C10    doub Y N 20  
58F C11   C12    sing Y N 21  
58F C10   C9     sing Y N 22  
58F C12   C7     doub Y N 23  
58F C9    C8     doub Y N 24  
58F C7    C8     sing Y N 25  
58F C7    N1     sing Y N 26  
58F C8    N2     sing Y N 27  
58F N1    C6     sing Y N 28  
58F N2    C6     doub Y N 29  
58F C6    C1     sing N N 30  
58F C1    C5     doub Y N 31  
58F C1    C3     sing Y N 32  
58F C5    C4     sing Y N 33  
58F C3    C2     doub Y N 34  
58F C4    C      doub Y N 35  
58F C2    C      sing Y N 36  
58F C     I      sing N N 37  
58F C2    H1     sing N N 38  
58F C3    H2     sing N N 39  
58F C4    H3     sing N N 40  
58F C5    H4     sing N N 41  
58F C9    H5     sing N N 42  
58F C10   H6     sing N N 43  
58F C12   H7     sing N N 44  
58F N1    H8     sing N N 45  
58F C16   H10    sing N N 46  
58F C17   H11    sing N N 47  
58F N3    H12    sing N N 48  
58F C19   H14    sing N N 49  
58F C20   H16    sing N N 50  
58F C20   H17    sing N N 51  
58F C21   H18    sing N N 52  
58F C21   H19    sing N N 53  
58F C22   H20    sing N N 54  
58F C22   H21    sing N N 55  
58F C23   H22    sing N N 56  
58F C23   H23    sing N N 57  
58F C24   H24    sing N N 58  
58F C24   H25    sing N N 59  
58F C24   H26    sing N N 60  
DA  OP3   P      sing N N 61  
DA  OP3   HOP3   sing N N 62  
DA  P     OP1    doub N N 63  
DA  P     OP2    sing N N 64  
DA  P     "O5'"  sing N N 65  
DA  OP2   HOP2   sing N N 66  
DA  "O5'" "C5'"  sing N N 67  
DA  "C5'" "C4'"  sing N N 68  
DA  "C5'" "H5'"  sing N N 69  
DA  "C5'" "H5''" sing N N 70  
DA  "C4'" "O4'"  sing N N 71  
DA  "C4'" "C3'"  sing N N 72  
DA  "C4'" "H4'"  sing N N 73  
DA  "O4'" "C1'"  sing N N 74  
DA  "C3'" "O3'"  sing N N 75  
DA  "C3'" "C2'"  sing N N 76  
DA  "C3'" "H3'"  sing N N 77  
DA  "O3'" "HO3'" sing N N 78  
DA  "C2'" "C1'"  sing N N 79  
DA  "C2'" "H2'"  sing N N 80  
DA  "C2'" "H2''" sing N N 81  
DA  "C1'" N9     sing N N 82  
DA  "C1'" "H1'"  sing N N 83  
DA  N9    C8     sing Y N 84  
DA  N9    C4     sing Y N 85  
DA  C8    N7     doub Y N 86  
DA  C8    H8     sing N N 87  
DA  N7    C5     sing Y N 88  
DA  C5    C6     sing Y N 89  
DA  C5    C4     doub Y N 90  
DA  C6    N6     sing N N 91  
DA  C6    N1     doub Y N 92  
DA  N6    H61    sing N N 93  
DA  N6    H62    sing N N 94  
DA  N1    C2     sing Y N 95  
DA  C2    N3     doub Y N 96  
DA  C2    H2     sing N N 97  
DA  N3    C4     sing Y N 98  
DC  OP3   P      sing N N 99  
DC  OP3   HOP3   sing N N 100 
DC  P     OP1    doub N N 101 
DC  P     OP2    sing N N 102 
DC  P     "O5'"  sing N N 103 
DC  OP2   HOP2   sing N N 104 
DC  "O5'" "C5'"  sing N N 105 
DC  "C5'" "C4'"  sing N N 106 
DC  "C5'" "H5'"  sing N N 107 
DC  "C5'" "H5''" sing N N 108 
DC  "C4'" "O4'"  sing N N 109 
DC  "C4'" "C3'"  sing N N 110 
DC  "C4'" "H4'"  sing N N 111 
DC  "O4'" "C1'"  sing N N 112 
DC  "C3'" "O3'"  sing N N 113 
DC  "C3'" "C2'"  sing N N 114 
DC  "C3'" "H3'"  sing N N 115 
DC  "O3'" "HO3'" sing N N 116 
DC  "C2'" "C1'"  sing N N 117 
DC  "C2'" "H2'"  sing N N 118 
DC  "C2'" "H2''" sing N N 119 
DC  "C1'" N1     sing N N 120 
DC  "C1'" "H1'"  sing N N 121 
DC  N1    C2     sing N N 122 
DC  N1    C6     sing N N 123 
DC  C2    O2     doub N N 124 
DC  C2    N3     sing N N 125 
DC  N3    C4     doub N N 126 
DC  C4    N4     sing N N 127 
DC  C4    C5     sing N N 128 
DC  N4    H41    sing N N 129 
DC  N4    H42    sing N N 130 
DC  C5    C6     doub N N 131 
DC  C5    H5     sing N N 132 
DC  C6    H6     sing N N 133 
DG  OP3   P      sing N N 134 
DG  OP3   HOP3   sing N N 135 
DG  P     OP1    doub N N 136 
DG  P     OP2    sing N N 137 
DG  P     "O5'"  sing N N 138 
DG  OP2   HOP2   sing N N 139 
DG  "O5'" "C5'"  sing N N 140 
DG  "C5'" "C4'"  sing N N 141 
DG  "C5'" "H5'"  sing N N 142 
DG  "C5'" "H5''" sing N N 143 
DG  "C4'" "O4'"  sing N N 144 
DG  "C4'" "C3'"  sing N N 145 
DG  "C4'" "H4'"  sing N N 146 
DG  "O4'" "C1'"  sing N N 147 
DG  "C3'" "O3'"  sing N N 148 
DG  "C3'" "C2'"  sing N N 149 
DG  "C3'" "H3'"  sing N N 150 
DG  "O3'" "HO3'" sing N N 151 
DG  "C2'" "C1'"  sing N N 152 
DG  "C2'" "H2'"  sing N N 153 
DG  "C2'" "H2''" sing N N 154 
DG  "C1'" N9     sing N N 155 
DG  "C1'" "H1'"  sing N N 156 
DG  N9    C8     sing Y N 157 
DG  N9    C4     sing Y N 158 
DG  C8    N7     doub Y N 159 
DG  C8    H8     sing N N 160 
DG  N7    C5     sing Y N 161 
DG  C5    C6     sing N N 162 
DG  C5    C4     doub Y N 163 
DG  C6    O6     doub N N 164 
DG  C6    N1     sing N N 165 
DG  N1    C2     sing N N 166 
DG  N1    H1     sing N N 167 
DG  C2    N2     sing N N 168 
DG  C2    N3     doub N N 169 
DG  N2    H21    sing N N 170 
DG  N2    H22    sing N N 171 
DG  N3    C4     sing N N 172 
DT  OP3   P      sing N N 173 
DT  OP3   HOP3   sing N N 174 
DT  P     OP1    doub N N 175 
DT  P     OP2    sing N N 176 
DT  P     "O5'"  sing N N 177 
DT  OP2   HOP2   sing N N 178 
DT  "O5'" "C5'"  sing N N 179 
DT  "C5'" "C4'"  sing N N 180 
DT  "C5'" "H5'"  sing N N 181 
DT  "C5'" "H5''" sing N N 182 
DT  "C4'" "O4'"  sing N N 183 
DT  "C4'" "C3'"  sing N N 184 
DT  "C4'" "H4'"  sing N N 185 
DT  "O4'" "C1'"  sing N N 186 
DT  "C3'" "O3'"  sing N N 187 
DT  "C3'" "C2'"  sing N N 188 
DT  "C3'" "H3'"  sing N N 189 
DT  "O3'" "HO3'" sing N N 190 
DT  "C2'" "C1'"  sing N N 191 
DT  "C2'" "H2'"  sing N N 192 
DT  "C2'" "H2''" sing N N 193 
DT  "C1'" N1     sing N N 194 
DT  "C1'" "H1'"  sing N N 195 
DT  N1    C2     sing N N 196 
DT  N1    C6     sing N N 197 
DT  C2    O2     doub N N 198 
DT  C2    N3     sing N N 199 
DT  N3    C4     sing N N 200 
DT  N3    H3     sing N N 201 
DT  C4    O4     doub N N 202 
DT  C4    C5     sing N N 203 
DT  C5    C7     sing N N 204 
DT  C5    C6     doub N N 205 
DT  C7    H71    sing N N 206 
DT  C7    H72    sing N N 207 
DT  C7    H73    sing N N 208 
DT  C6    H6     sing N N 209 
HOH O     H1     sing N N 210 
HOH O     H2     sing N N 211 
# 
_ndb_struct_conf_na.entry_id   5DAM 
_ndb_struct_conf_na.feature    'b-form double helix' 
# 
loop_
_ndb_struct_na_base_pair.model_number 
_ndb_struct_na_base_pair.i_label_asym_id 
_ndb_struct_na_base_pair.i_label_comp_id 
_ndb_struct_na_base_pair.i_label_seq_id 
_ndb_struct_na_base_pair.i_symmetry 
_ndb_struct_na_base_pair.j_label_asym_id 
_ndb_struct_na_base_pair.j_label_comp_id 
_ndb_struct_na_base_pair.j_label_seq_id 
_ndb_struct_na_base_pair.j_symmetry 
_ndb_struct_na_base_pair.shear 
_ndb_struct_na_base_pair.stretch 
_ndb_struct_na_base_pair.stagger 
_ndb_struct_na_base_pair.buckle 
_ndb_struct_na_base_pair.propeller 
_ndb_struct_na_base_pair.opening 
_ndb_struct_na_base_pair.pair_number 
_ndb_struct_na_base_pair.pair_name 
_ndb_struct_na_base_pair.i_auth_asym_id 
_ndb_struct_na_base_pair.i_auth_seq_id 
_ndb_struct_na_base_pair.i_PDB_ins_code 
_ndb_struct_na_base_pair.j_auth_asym_id 
_ndb_struct_na_base_pair.j_auth_seq_id 
_ndb_struct_na_base_pair.j_PDB_ins_code 
_ndb_struct_na_base_pair.hbond_type_28 
_ndb_struct_na_base_pair.hbond_type_12 
1 A DC 1  1_555 B DG 12 1_555 0.358  -0.076 0.314  -3.073  -12.658 1.519  1  A_DC1:DG12_B A 1  ? B 12 ? 19 1 
1 A DG 2  1_555 B DC 11 1_555 -0.232 -0.271 0.542  6.353   -9.390  -3.223 2  A_DG2:DC11_B A 2  ? B 11 ? 19 1 
1 A DC 3  1_555 B DG 10 1_555 0.311  0.008  0.045  -0.009  -3.959  3.089  3  A_DC3:DG10_B A 3  ? B 10 ? 19 1 
1 A DA 4  1_555 B DT 9  1_555 0.366  0.042  -0.043 17.012  -19.626 -1.423 4  A_DA4:DT9_B  A 4  ? B 9  ? 20 1 
1 A DA 5  1_555 B DT 8  1_555 0.030  -0.095 0.072  12.276  -20.285 -1.115 5  A_DA5:DT8_B  A 5  ? B 8  ? 20 1 
1 A DA 6  1_555 B DT 7  1_555 0.196  -0.073 -0.035 3.501   -20.037 6.236  6  A_DA6:DT7_B  A 6  ? B 7  ? 20 1 
1 A DT 7  1_555 B DA 6  1_555 -0.006 -0.060 0.039  0.356   -21.350 7.662  7  A_DT7:DA6_B  A 7  ? B 6  ? 20 1 
1 A DT 8  1_555 B DA 5  1_555 -0.284 -0.083 0.116  -5.170  -17.210 3.834  8  A_DT8:DA5_B  A 8  ? B 5  ? 20 1 
1 A DT 9  1_555 B DA 4  1_555 0.054  -0.075 -0.036 -15.597 -13.157 -2.910 9  A_DT9:DA4_B  A 9  ? B 4  ? 20 1 
1 A DG 10 1_555 B DC 3  1_555 0.045  -0.056 0.177  11.147  -0.245  2.529  10 A_DG10:DC3_B A 10 ? B 3  ? 19 1 
1 A DC 11 1_555 B DG 2  1_555 0.155  -0.260 0.184  8.921   -23.564 -7.766 11 A_DC11:DG2_B A 11 ? B 2  ? 19 1 
1 A DG 12 1_555 B DC 1  1_555 -0.308 -0.264 -0.161 6.750   11.087  -3.307 12 A_DG12:DC1_B A 12 ? B 1  ? 19 1 
# 
loop_
_ndb_struct_na_base_pair_step.model_number 
_ndb_struct_na_base_pair_step.i_label_asym_id_1 
_ndb_struct_na_base_pair_step.i_label_comp_id_1 
_ndb_struct_na_base_pair_step.i_label_seq_id_1 
_ndb_struct_na_base_pair_step.i_symmetry_1 
_ndb_struct_na_base_pair_step.j_label_asym_id_1 
_ndb_struct_na_base_pair_step.j_label_comp_id_1 
_ndb_struct_na_base_pair_step.j_label_seq_id_1 
_ndb_struct_na_base_pair_step.j_symmetry_1 
_ndb_struct_na_base_pair_step.i_label_asym_id_2 
_ndb_struct_na_base_pair_step.i_label_comp_id_2 
_ndb_struct_na_base_pair_step.i_label_seq_id_2 
_ndb_struct_na_base_pair_step.i_symmetry_2 
_ndb_struct_na_base_pair_step.j_label_asym_id_2 
_ndb_struct_na_base_pair_step.j_label_comp_id_2 
_ndb_struct_na_base_pair_step.j_label_seq_id_2 
_ndb_struct_na_base_pair_step.j_symmetry_2 
_ndb_struct_na_base_pair_step.shift 
_ndb_struct_na_base_pair_step.slide 
_ndb_struct_na_base_pair_step.rise 
_ndb_struct_na_base_pair_step.tilt 
_ndb_struct_na_base_pair_step.roll 
_ndb_struct_na_base_pair_step.twist 
_ndb_struct_na_base_pair_step.x_displacement 
_ndb_struct_na_base_pair_step.y_displacement 
_ndb_struct_na_base_pair_step.helical_rise 
_ndb_struct_na_base_pair_step.inclination 
_ndb_struct_na_base_pair_step.tip 
_ndb_struct_na_base_pair_step.helical_twist 
_ndb_struct_na_base_pair_step.step_number 
_ndb_struct_na_base_pair_step.step_name 
_ndb_struct_na_base_pair_step.i_auth_asym_id_1 
_ndb_struct_na_base_pair_step.i_auth_seq_id_1 
_ndb_struct_na_base_pair_step.i_PDB_ins_code_1 
_ndb_struct_na_base_pair_step.j_auth_asym_id_1 
_ndb_struct_na_base_pair_step.j_auth_seq_id_1 
_ndb_struct_na_base_pair_step.j_PDB_ins_code_1 
_ndb_struct_na_base_pair_step.i_auth_asym_id_2 
_ndb_struct_na_base_pair_step.i_auth_seq_id_2 
_ndb_struct_na_base_pair_step.i_PDB_ins_code_2 
_ndb_struct_na_base_pair_step.j_auth_asym_id_2 
_ndb_struct_na_base_pair_step.j_auth_seq_id_2 
_ndb_struct_na_base_pair_step.j_PDB_ins_code_2 
1 A DC 1  1_555 B DG 12 1_555 A DG 2  1_555 B DC 11 1_555 -0.390 0.017  3.074 -3.685 2.276   33.593 -0.318 0.109  3.092 3.917   
6.342  33.863 1  AA_DC1DG2:DC11DG12_BB A 1  ? B 12 ? A 2  ? B 11 ? 
1 A DG 2  1_555 B DC 11 1_555 A DC 3  1_555 B DG 10 1_555 0.760  0.493  3.544 5.454  -5.536  41.958 1.285  -0.447 3.521 -7.652  
-7.539 42.640 2  AA_DG2DC3:DG10DC11_BB A 2  ? B 11 ? A 3  ? B 10 ? 
1 A DC 3  1_555 B DG 10 1_555 A DA 4  1_555 B DT 9  1_555 -0.749 0.712  2.988 2.629  5.727   28.401 0.256  2.024  2.990 11.495  
-5.276 29.078 3  AA_DC3DA4:DT9DG10_BB  A 3  ? B 10 ? A 4  ? B 9  ? 
1 A DA 4  1_555 B DT 9  1_555 A DA 5  1_555 B DT 8  1_555 0.086  0.000  3.377 -1.943 2.442   34.501 -0.388 -0.452 3.360 4.107   
3.267  34.638 4  AA_DA4DA5:DT8DT9_BB   A 4  ? B 9  ? A 5  ? B 8  ? 
1 A DA 5  1_555 B DT 8  1_555 A DA 6  1_555 B DT 7  1_555 0.366  -0.124 3.476 0.542  3.765   39.172 -0.659 -0.476 3.454 5.600   
-0.807 39.349 5  AA_DA5DA6:DT7DT8_BB   A 5  ? B 8  ? A 6  ? B 7  ? 
1 A DA 6  1_555 B DT 7  1_555 A DT 7  1_555 B DA 6  1_555 -0.068 -0.554 3.253 -0.266 1.410   30.115 -1.349 0.078  3.225 2.711   
0.512  30.148 6  AA_DA6DT7:DA6DT7_BB   A 6  ? B 7  ? A 7  ? B 6  ? 
1 A DT 7  1_555 B DA 6  1_555 A DT 8  1_555 B DA 5  1_555 -0.230 -0.129 3.325 1.503  0.533   35.498 -0.290 0.599  3.311 0.873   
-2.464 35.533 7  AA_DT7DT8:DA5DA6_BB   A 7  ? B 6  ? A 8  ? B 5  ? 
1 A DT 8  1_555 B DA 5  1_555 A DT 9  1_555 B DA 4  1_555 -0.087 0.051  3.454 2.592  2.280   40.779 -0.191 0.424  3.440 3.265   
-3.712 40.918 8  AA_DT8DT9:DA4DA5_BB   A 8  ? B 5  ? A 9  ? B 4  ? 
1 A DT 9  1_555 B DA 4  1_555 A DG 10 1_555 B DC 3  1_555 0.690  1.207  2.877 -3.399 6.601   27.316 1.075  -2.130 2.975 13.661  
7.034  28.289 9  AA_DT9DG10:DC3DA4_BB  A 9  ? B 4  ? A 10 ? B 3  ? 
1 A DG 10 1_555 B DC 3  1_555 A DC 11 1_555 B DG 2  1_555 -1.268 0.644  3.383 -4.010 -14.016 41.730 2.209  1.302  3.125 -18.993 
5.434  44.096 10 AA_DG10DC11:DG2DC3_BB A 10 ? B 3  ? A 11 ? B 2  ? 
1 A DC 11 1_555 B DG 2  1_555 A DG 12 1_555 B DC 1  1_555 1.447  0.811  3.756 5.796  -10.053 38.094 2.538  -1.352 3.611 -14.983 
-8.638 39.759 11 AA_DC11DG12:DC1DG2_BB A 11 ? B 2  ? A 12 ? B 1  ? 
# 
_pdbx_audit_support.funding_organization   'Marsden Fund' 
_pdbx_audit_support.country                'New Zealand' 
_pdbx_audit_support.grant_number           ? 
_pdbx_audit_support.ordinal                1 
# 
_atom_sites.entry_id                    5DAM 
_atom_sites.fract_transf_matrix[1][1]   -0.00386806 
_atom_sites.fract_transf_matrix[1][2]   -0.02241649 
_atom_sites.fract_transf_matrix[1][3]   -0.03361436 
_atom_sites.fract_transf_matrix[2][1]   0.02177416 
_atom_sites.fract_transf_matrix[2][2]   0.00847435 
_atom_sites.fract_transf_matrix[2][3]   -0.00815690 
_atom_sites.fract_transf_matrix[3][1]   0.00723630 
_atom_sites.fract_transf_matrix[3][2]   -0.01181235 
_atom_sites.fract_transf_matrix[3][3]   0.00704464 
_atom_sites.fract_transf_vector[1]      0.567598 
_atom_sites.fract_transf_vector[2]      0.528289 
_atom_sites.fract_transf_vector[3]      1.129976 
# 
loop_
_atom_type.symbol 
C  
I  
MG 
N  
O  
P  
# 
loop_
_atom_site.group_PDB 
_atom_site.id 
_atom_site.type_symbol 
_atom_site.label_atom_id 
_atom_site.label_alt_id 
_atom_site.label_comp_id 
_atom_site.label_asym_id 
_atom_site.label_entity_id 
_atom_site.label_seq_id 
_atom_site.pdbx_PDB_ins_code 
_atom_site.Cartn_x 
_atom_site.Cartn_y 
_atom_site.Cartn_z 
_atom_site.occupancy 
_atom_site.B_iso_or_equiv 
_atom_site.pdbx_formal_charge 
_atom_site.auth_seq_id 
_atom_site.auth_comp_id 
_atom_site.auth_asym_id 
_atom_site.auth_atom_id 
_atom_site.pdbx_PDB_model_num 
ATOM   1   O  "O5'" . DC  A 1 1  ? 18.620  -10.203 -2.699  1.00 33.06 ? 1   DC  A "O5'" 1 
ATOM   2   C  "C5'" . DC  A 1 1  ? 17.976  -10.722 -1.534  1.00 28.04 ? 1   DC  A "C5'" 1 
ATOM   3   C  "C4'" . DC  A 1 1  ? 16.673  -11.400 -1.871  1.00 25.93 ? 1   DC  A "C4'" 1 
ATOM   4   O  "O4'" . DC  A 1 1  ? 15.965  -11.649 -0.642  1.00 19.55 ? 1   DC  A "O4'" 1 
ATOM   5   C  "C3'" . DC  A 1 1  ? 15.704  -10.604 -2.746  1.00 21.86 ? 1   DC  A "C3'" 1 
ATOM   6   O  "O3'" . DC  A 1 1  ? 15.203  -11.446 -3.783  1.00 28.93 ? 1   DC  A "O3'" 1 
ATOM   7   C  "C2'" . DC  A 1 1  ? 14.658  -10.122 -1.769  1.00 19.75 ? 1   DC  A "C2'" 1 
ATOM   8   C  "C1'" . DC  A 1 1  ? 14.600  -11.207 -0.728  1.00 16.16 ? 1   DC  A "C1'" 1 
ATOM   9   N  N1    . DC  A 1 1  ? 14.320  -10.920 0.684   1.00 23.76 ? 1   DC  A N1    1 
ATOM   10  C  C2    . DC  A 1 1  ? 13.386  -11.727 1.352   1.00 21.19 ? 1   DC  A C2    1 
ATOM   11  O  O2    . DC  A 1 1  ? 12.827  -12.640 0.732   1.00 26.81 ? 1   DC  A O2    1 
ATOM   12  N  N3    . DC  A 1 1  ? 13.105  -11.492 2.652   1.00 26.08 ? 1   DC  A N3    1 
ATOM   13  C  C4    . DC  A 1 1  ? 13.719  -10.498 3.311   1.00 22.65 ? 1   DC  A C4    1 
ATOM   14  N  N4    . DC  A 1 1  ? 13.397  -10.321 4.597   1.00 14.09 ? 1   DC  A N4    1 
ATOM   15  C  C5    . DC  A 1 1  ? 14.672  -9.670  2.661   1.00 21.03 ? 1   DC  A C5    1 
ATOM   16  C  C6    . DC  A 1 1  ? 14.947  -9.907  1.366   1.00 24.61 ? 1   DC  A C6    1 
ATOM   17  P  P     . DG  A 1 2  ? 14.168  -11.004 -4.928  1.00 30.74 ? 2   DG  A P     1 
ATOM   18  O  OP1   . DG  A 1 2  ? 14.502  -11.768 -6.145  1.00 42.48 ? 2   DG  A OP1   1 
ATOM   19  O  OP2   . DG  A 1 2  ? 14.120  -9.521  -4.988  1.00 37.83 ? 2   DG  A OP2   1 
ATOM   20  O  "O5'" . DG  A 1 2  ? 12.780  -11.495 -4.348  1.00 29.40 ? 2   DG  A "O5'" 1 
ATOM   21  C  "C5'" . DG  A 1 2  ? 12.463  -12.852 -4.021  1.00 17.36 ? 2   DG  A "C5'" 1 
ATOM   22  C  "C4'" . DG  A 1 2  ? 10.958  -12.930 -3.840  1.00 27.23 ? 2   DG  A "C4'" 1 
ATOM   23  O  "O4'" . DG  A 1 2  ? 10.642  -12.565 -2.483  1.00 22.97 ? 2   DG  A "O4'" 1 
ATOM   24  C  "C3'" . DG  A 1 2  ? 10.124  -11.997 -4.711  1.00 23.05 ? 2   DG  A "C3'" 1 
ATOM   25  O  "O3'" . DG  A 1 2  ? 8.983   -12.692 -5.200  1.00 26.27 ? 2   DG  A "O3'" 1 
ATOM   26  C  "C2'" . DG  A 1 2  ? 9.789   -10.848 -3.791  1.00 16.67 ? 2   DG  A "C2'" 1 
ATOM   27  C  "C1'" . DG  A 1 2  ? 9.696   -11.507 -2.434  1.00 17.81 ? 2   DG  A "C1'" 1 
ATOM   28  N  N9    . DG  A 1 2  ? 10.106  -10.739 -1.241  1.00 31.59 ? 2   DG  A N9    1 
ATOM   29  C  C8    . DG  A 1 2  ? 11.002  -9.707  -1.127  1.00 26.60 ? 2   DG  A C8    1 
ATOM   30  N  N7    . DG  A 1 2  ? 11.123  -9.255  0.097   1.00 21.44 ? 2   DG  A N7    1 
ATOM   31  C  C5    . DG  A 1 2  ? 10.246  -10.045 0.836   1.00 30.09 ? 2   DG  A C5    1 
ATOM   32  C  C6    . DG  A 1 2  ? 9.927   -10.042 2.223   1.00 22.76 ? 2   DG  A C6    1 
ATOM   33  O  O6    . DG  A 1 2  ? 10.369  -9.316  3.123   1.00 17.72 ? 2   DG  A O6    1 
ATOM   34  N  N1    . DG  A 1 2  ? 8.988   -11.013 2.547   1.00 20.22 ? 2   DG  A N1    1 
ATOM   35  C  C2    . DG  A 1 2  ? 8.411   -11.887 1.657   1.00 22.21 ? 2   DG  A C2    1 
ATOM   36  N  N2    . DG  A 1 2  ? 7.516   -12.757 2.165   1.00 19.17 ? 2   DG  A N2    1 
ATOM   37  N  N3    . DG  A 1 2  ? 8.697   -11.900 0.370   1.00 17.03 ? 2   DG  A N3    1 
ATOM   38  C  C4    . DG  A 1 2  ? 9.613   -10.962 0.030   1.00 21.42 ? 2   DG  A C4    1 
ATOM   39  P  P     . DC  A 1 3  ? 7.909   -12.162 -6.255  1.00 25.81 ? 3   DC  A P     1 
ATOM   40  O  OP1   . DC  A 1 3  ? 7.704   -13.214 -7.272  1.00 14.81 ? 3   DC  A OP1   1 
ATOM   41  O  OP2   . DC  A 1 3  ? 8.270   -10.795 -6.701  1.00 33.37 ? 3   DC  A OP2   1 
ATOM   42  O  "O5'" . DC  A 1 3  ? 6.582   -12.042 -5.383  1.00 25.22 ? 3   DC  A "O5'" 1 
ATOM   43  C  "C5'" . DC  A 1 3  ? 6.024   -13.163 -4.691  1.00 24.06 ? 3   DC  A "C5'" 1 
ATOM   44  C  "C4'" . DC  A 1 3  ? 5.126   -12.694 -3.573  1.00 23.35 ? 3   DC  A "C4'" 1 
ATOM   45  O  "O4'" . DC  A 1 3  ? 5.909   -12.119 -2.506  1.00 21.48 ? 3   DC  A "O4'" 1 
ATOM   46  C  "C3'" . DC  A 1 3  ? 4.143   -11.591 -3.944  1.00 24.33 ? 3   DC  A "C3'" 1 
ATOM   47  O  "O3'" . DC  A 1 3  ? 2.926   -12.164 -4.413  1.00 28.03 ? 3   DC  A "O3'" 1 
ATOM   48  C  "C2'" . DC  A 1 3  ? 3.964   -10.819 -2.671  1.00 25.73 ? 3   DC  A "C2'" 1 
ATOM   49  C  "C1'" . DC  A 1 3  ? 5.102   -11.206 -1.763  1.00 20.20 ? 3   DC  A "C1'" 1 
ATOM   50  N  N1    . DC  A 1 3  ? 5.982   -10.098 -1.368  1.00 21.43 ? 3   DC  A N1    1 
ATOM   51  C  C2    . DC  A 1 3  ? 6.125   -9.751  -0.034  1.00 24.15 ? 3   DC  A C2    1 
ATOM   52  O  O2    . DC  A 1 3  ? 5.522   -10.351 0.862   1.00 17.14 ? 3   DC  A O2    1 
ATOM   53  N  N3    . DC  A 1 3  ? 6.949   -8.718  0.299   1.00 26.56 ? 3   DC  A N3    1 
ATOM   54  C  C4    . DC  A 1 3  ? 7.604   -8.062  -0.653  1.00 22.63 ? 3   DC  A C4    1 
ATOM   55  N  N4    . DC  A 1 3  ? 8.401   -7.058  -0.275  1.00 22.03 ? 3   DC  A N4    1 
ATOM   56  C  C5    . DC  A 1 3  ? 7.479   -8.397  -2.032  1.00 21.26 ? 3   DC  A C5    1 
ATOM   57  C  C6    . DC  A 1 3  ? 6.666   -9.412  -2.340  1.00 26.46 ? 3   DC  A C6    1 
ATOM   58  P  P     . DA  A 1 4  ? 1.523   -11.409 -4.491  1.00 31.71 ? 4   DA  A P     1 
ATOM   59  O  OP1   . DA  A 1 4  ? 0.581   -12.290 -5.231  1.00 29.36 ? 4   DA  A OP1   1 
ATOM   60  O  OP2   . DA  A 1 4  ? 1.762   -10.022 -4.965  1.00 35.35 ? 4   DA  A OP2   1 
ATOM   61  O  "O5'" . DA  A 1 4  ? 1.015   -11.321 -2.985  1.00 35.06 ? 4   DA  A "O5'" 1 
ATOM   62  C  "C5'" . DA  A 1 4  ? 0.678   -12.508 -2.257  1.00 33.94 ? 4   DA  A "C5'" 1 
ATOM   63  C  "C4'" . DA  A 1 4  ? 0.162   -12.136 -0.888  1.00 27.21 ? 4   DA  A "C4'" 1 
ATOM   64  O  "O4'" . DA  A 1 4  ? 1.091   -11.278 -0.208  1.00 24.88 ? 4   DA  A "O4'" 1 
ATOM   65  C  "C3'" . DA  A 1 4  ? -1.150  -11.357 -0.908  1.00 27.68 ? 4   DA  A "C3'" 1 
ATOM   66  O  "O3'" . DA  A 1 4  ? -1.975  -11.802 0.164   1.00 33.57 ? 4   DA  A "O3'" 1 
ATOM   67  C  "C2'" . DA  A 1 4  ? -0.740  -9.916  -0.779  1.00 27.71 ? 4   DA  A "C2'" 1 
ATOM   68  C  "C1'" . DA  A 1 4  ? 0.527   -9.998  0.051   1.00 25.90 ? 4   DA  A "C1'" 1 
ATOM   69  N  N9    . DA  A 1 4  ? 1.560   -9.014  -0.289  1.00 29.78 ? 4   DA  A N9    1 
ATOM   70  C  C8    . DA  A 1 4  ? 1.903   -8.522  -1.522  1.00 31.84 ? 4   DA  A C8    1 
ATOM   71  N  N7    . DA  A 1 4  ? 2.880   -7.645  -1.496  1.00 21.38 ? 4   DA  A N7    1 
ATOM   72  C  C5    . DA  A 1 4  ? 3.207   -7.548  -0.155  1.00 17.44 ? 4   DA  A C5    1 
ATOM   73  C  C6    . DA  A 1 4  ? 4.162   -6.784  0.536   1.00 30.00 ? 4   DA  A C6    1 
ATOM   74  N  N6    . DA  A 1 4  ? 5.012   -5.932  -0.048  1.00 23.83 ? 4   DA  A N6    1 
ATOM   75  N  N1    . DA  A 1 4  ? 4.220   -6.932  1.884   1.00 25.40 ? 4   DA  A N1    1 
ATOM   76  C  C2    . DA  A 1 4  ? 3.370   -7.786  2.465   1.00 23.72 ? 4   DA  A C2    1 
ATOM   77  N  N3    . DA  A 1 4  ? 2.428   -8.559  1.937   1.00 23.46 ? 4   DA  A N3    1 
ATOM   78  C  C4    . DA  A 1 4  ? 2.401   -8.386  0.600   1.00 24.40 ? 4   DA  A C4    1 
ATOM   79  P  P     . DA  A 1 5  ? -3.463  -11.238 0.412   1.00 30.67 ? 5   DA  A P     1 
ATOM   80  O  OP1   . DA  A 1 5  ? -4.217  -12.371 1.027   1.00 33.24 ? 5   DA  A OP1   1 
ATOM   81  O  OP2   . DA  A 1 5  ? -3.920  -10.552 -0.806  1.00 39.56 ? 5   DA  A OP2   1 
ATOM   82  O  "O5'" . DA  A 1 5  ? -3.254  -10.138 1.556   1.00 19.72 ? 5   DA  A "O5'" 1 
ATOM   83  C  "C5'" . DA  A 1 5  ? -2.782  -10.622 2.823   1.00 21.08 ? 5   DA  A "C5'" 1 
ATOM   84  C  "C4'" . DA  A 1 5  ? -2.467  -9.481  3.746   1.00 24.33 ? 5   DA  A "C4'" 1 
ATOM   85  O  "O4'" . DA  A 1 5  ? -1.405  -8.660  3.223   1.00 23.48 ? 5   DA  A "O4'" 1 
ATOM   86  C  "C3'" . DA  A 1 5  ? -3.643  -8.522  3.961   1.00 26.96 ? 5   DA  A "C3'" 1 
ATOM   87  O  "O3'" . DA  A 1 5  ? -3.678  -8.178  5.341   1.00 39.22 ? 5   DA  A "O3'" 1 
ATOM   88  C  "C2'" . DA  A 1 5  ? -3.357  -7.377  3.032   1.00 27.36 ? 5   DA  A "C2'" 1 
ATOM   89  C  "C1'" . DA  A 1 5  ? -1.840  -7.297  3.135   1.00 18.41 ? 5   DA  A "C1'" 1 
ATOM   90  N  N9    . DA  A 1 5  ? -1.125  -6.712  2.002   1.00 16.98 ? 5   DA  A N9    1 
ATOM   91  C  C8    . DA  A 1 5  ? -1.318  -6.833  0.655   1.00 20.79 ? 5   DA  A C8    1 
ATOM   92  N  N7    . DA  A 1 5  ? -0.460  -6.147  -0.070  1.00 26.04 ? 5   DA  A N7    1 
ATOM   93  C  C5    . DA  A 1 5  ? 0.360   -5.529  0.865   1.00 17.70 ? 5   DA  A C5    1 
ATOM   94  C  C6    . DA  A 1 5  ? 1.464   -4.667  0.764   1.00 18.92 ? 5   DA  A C6    1 
ATOM   95  N  N6    . DA  A 1 5  ? 1.989   -4.231  -0.383  1.00 25.28 ? 5   DA  A N6    1 
ATOM   96  N  N1    . DA  A 1 5  ? 2.040   -4.247  1.915   1.00 21.39 ? 5   DA  A N1    1 
ATOM   97  C  C2    . DA  A 1 5  ? 1.547   -4.657  3.090   1.00 20.47 ? 5   DA  A C2    1 
ATOM   98  N  N3    . DA  A 1 5  ? 0.514   -5.466  3.298   1.00 20.19 ? 5   DA  A N3    1 
ATOM   99  C  C4    . DA  A 1 5  ? -0.032  -5.865  2.141   1.00 16.68 ? 5   DA  A C4    1 
ATOM   100 P  P     . DA  A 1 6  ? -4.902  -7.360  5.988   1.00 31.40 ? 6   DA  A P     1 
ATOM   101 O  OP1   . DA  A 1 6  ? -5.090  -7.903  7.366   1.00 31.63 ? 6   DA  A OP1   1 
ATOM   102 O  OP2   . DA  A 1 6  ? -5.978  -7.311  4.984   1.00 21.01 ? 6   DA  A OP2   1 
ATOM   103 O  "O5'" . DA  A 1 6  ? -4.249  -5.909  6.134   1.00 20.11 ? 6   DA  A "O5'" 1 
ATOM   104 C  "C5'" . DA  A 1 6  ? -2.992  -5.827  6.814   1.00 20.79 ? 6   DA  A "C5'" 1 
ATOM   105 C  "C4'" . DA  A 1 6  ? -2.538  -4.397  6.947   1.00 27.49 ? 6   DA  A "C4'" 1 
ATOM   106 O  "O4'" . DA  A 1 6  ? -1.831  -3.991  5.751   1.00 27.84 ? 6   DA  A "O4'" 1 
ATOM   107 C  "C3'" . DA  A 1 6  ? -3.664  -3.378  7.126   1.00 26.92 ? 6   DA  A "C3'" 1 
ATOM   108 O  "O3'" . DA  A 1 6  ? -3.292  -2.466  8.150   1.00 22.11 ? 6   DA  A "O3'" 1 
ATOM   109 C  "C2'" . DA  A 1 6  ? -3.821  -2.736  5.774   1.00 27.47 ? 6   DA  A "C2'" 1 
ATOM   110 C  "C1'" . DA  A 1 6  ? -2.411  -2.818  5.205   1.00 29.76 ? 6   DA  A "C1'" 1 
ATOM   111 N  N9    . DA  A 1 6  ? -2.336  -2.952  3.746   1.00 23.36 ? 6   DA  A N9    1 
ATOM   112 C  C8    . DA  A 1 6  ? -3.146  -3.656  2.901   1.00 19.60 ? 6   DA  A C8    1 
ATOM   113 N  N7    . DA  A 1 6  ? -2.803  -3.570  1.636   1.00 19.94 ? 6   DA  A N7    1 
ATOM   114 C  C5    . DA  A 1 6  ? -1.686  -2.747  1.658   1.00 23.45 ? 6   DA  A C5    1 
ATOM   115 C  C6    . DA  A 1 6  ? -0.844  -2.261  0.643   1.00 29.44 ? 6   DA  A C6    1 
ATOM   116 N  N6    . DA  A 1 6  ? -1.020  -2.559  -0.651  1.00 17.32 ? 6   DA  A N6    1 
ATOM   117 N  N1    . DA  A 1 6  ? 0.183   -1.462  1.007   1.00 20.95 ? 6   DA  A N1    1 
ATOM   118 C  C2    . DA  A 1 6  ? 0.349   -1.172  2.296   1.00 16.57 ? 6   DA  A C2    1 
ATOM   119 N  N3    . DA  A 1 6  ? -0.380  -1.572  3.339   1.00 22.67 ? 6   DA  A N3    1 
ATOM   120 C  C4    . DA  A 1 6  ? -1.387  -2.360  2.945   1.00 22.43 ? 6   DA  A C4    1 
ATOM   121 P  P     . DT  A 1 7  ? -4.261  -1.307  8.703   1.00 20.23 ? 7   DT  A P     1 
ATOM   122 O  OP1   . DT  A 1 7  ? -4.005  -1.219  10.155  1.00 17.89 ? 7   DT  A OP1   1 
ATOM   123 O  OP2   . DT  A 1 7  ? -5.616  -1.559  8.169   1.00 18.96 ? 7   DT  A OP2   1 
ATOM   124 O  "O5'" . DT  A 1 7  ? -3.654  -0.010  8.000   1.00 24.34 ? 7   DT  A "O5'" 1 
ATOM   125 C  "C5'" . DT  A 1 7  ? -2.256  0.286   8.159   1.00 26.75 ? 7   DT  A "C5'" 1 
ATOM   126 C  "C4'" . DT  A 1 7  ? -1.830  1.291   7.120   1.00 21.26 ? 7   DT  A "C4'" 1 
ATOM   127 O  "O4'" . DT  A 1 7  ? -1.977  0.746   5.792   1.00 22.23 ? 7   DT  A "O4'" 1 
ATOM   128 C  "C3'" . DT  A 1 7  ? -2.655  2.576   7.123   1.00 19.68 ? 7   DT  A "C3'" 1 
ATOM   129 O  "O3'" . DT  A 1 7  ? -1.903  3.605   7.776   1.00 23.81 ? 7   DT  A "O3'" 1 
ATOM   130 C  "C2'" . DT  A 1 7  ? -2.955  2.846   5.669   1.00 24.68 ? 7   DT  A "C2'" 1 
ATOM   131 C  "C1'" . DT  A 1 7  ? -2.095  1.868   4.897   1.00 22.93 ? 7   DT  A "C1'" 1 
ATOM   132 N  N1    . DT  A 1 7  ? -2.592  1.276   3.647   1.00 28.97 ? 7   DT  A N1    1 
ATOM   133 C  C2    . DT  A 1 7  ? -1.874  1.536   2.494   1.00 30.88 ? 7   DT  A C2    1 
ATOM   134 O  O2    . DT  A 1 7  ? -0.866  2.236   2.502   1.00 26.62 ? 7   DT  A O2    1 
ATOM   135 N  N3    . DT  A 1 7  ? -2.382  0.957   1.355   1.00 21.76 ? 7   DT  A N3    1 
ATOM   136 C  C4    . DT  A 1 7  ? -3.502  0.159   1.247   1.00 21.81 ? 7   DT  A C4    1 
ATOM   137 O  O4    . DT  A 1 7  ? -3.865  -0.309  0.168   1.00 19.74 ? 7   DT  A O4    1 
ATOM   138 C  C5    . DT  A 1 7  ? -4.205  -0.076  2.493   1.00 23.00 ? 7   DT  A C5    1 
ATOM   139 C  C7    . DT  A 1 7  ? -5.435  -0.935  2.442   1.00 27.50 ? 7   DT  A C7    1 
ATOM   140 C  C6    . DT  A 1 7  ? -3.720  0.484   3.605   1.00 26.23 ? 7   DT  A C6    1 
ATOM   141 P  P     . DT  A 1 8  ? -2.471  5.091   7.924   1.00 27.45 ? 8   DT  A P     1 
ATOM   142 O  OP1   . DT  A 1 8  ? -1.785  5.750   9.051   1.00 41.85 ? 8   DT  A OP1   1 
ATOM   143 O  OP2   . DT  A 1 8  ? -3.952  5.009   7.809   1.00 22.97 ? 8   DT  A OP2   1 
ATOM   144 O  "O5'" . DT  A 1 8  ? -1.959  5.841   6.588   1.00 37.75 ? 8   DT  A "O5'" 1 
ATOM   145 C  "C5'" . DT  A 1 8  ? -0.575  5.868   6.233   1.00 29.34 ? 8   DT  A "C5'" 1 
ATOM   146 C  "C4'" . DT  A 1 8  ? -0.367  6.469   4.864   1.00 28.16 ? 8   DT  A "C4'" 1 
ATOM   147 O  "O4'" . DT  A 1 8  ? -0.914  5.655   3.805   1.00 22.81 ? 8   DT  A "O4'" 1 
ATOM   148 C  "C3'" . DT  A 1 8  ? -1.044  7.833   4.695   1.00 31.10 ? 8   DT  A "C3'" 1 
ATOM   149 O  "O3'" . DT  A 1 8  ? -0.078  8.760   4.212   1.00 33.68 ? 8   DT  A "O3'" 1 
ATOM   150 C  "C2'" . DT  A 1 8  ? -2.187  7.605   3.736   1.00 22.72 ? 8   DT  A "C2'" 1 
ATOM   151 C  "C1'" . DT  A 1 8  ? -1.643  6.485   2.879   1.00 21.37 ? 8   DT  A "C1'" 1 
ATOM   152 N  N1    . DT  A 1 8  ? -2.603  5.597   2.222   1.00 24.88 ? 8   DT  A N1    1 
ATOM   153 C  C2    . DT  A 1 8  ? -2.423  5.304   0.888   1.00 21.87 ? 8   DT  A C2    1 
ATOM   154 O  O2    . DT  A 1 8  ? -1.523  5.719   0.173   1.00 20.07 ? 8   DT  A O2    1 
ATOM   155 N  N3    . DT  A 1 8  ? -3.360  4.462   0.339   1.00 21.92 ? 8   DT  A N3    1 
ATOM   156 C  C4    . DT  A 1 8  ? -4.440  3.899   0.994   1.00 25.68 ? 8   DT  A C4    1 
ATOM   157 O  O4    . DT  A 1 8  ? -5.164  3.172   0.320   1.00 25.18 ? 8   DT  A O4    1 
ATOM   158 C  C5    . DT  A 1 8  ? -4.575  4.244   2.390   1.00 29.92 ? 8   DT  A C5    1 
ATOM   159 C  C7    . DT  A 1 8  ? -5.723  3.672   3.176   1.00 21.52 ? 8   DT  A C7    1 
ATOM   160 C  C6    . DT  A 1 8  ? -3.662  5.069   2.944   1.00 20.41 ? 8   DT  A C6    1 
ATOM   161 P  P     . DT  A 1 9  ? -0.363  10.330  4.108   1.00 36.69 ? 9   DT  A P     1 
ATOM   162 O  OP1   . DT  A 1 9  ? 0.875   11.064  4.486   1.00 46.39 ? 9   DT  A OP1   1 
ATOM   163 O  OP2   . DT  A 1 9  ? -1.620  10.653  4.794   1.00 22.40 ? 9   DT  A OP2   1 
ATOM   164 O  "O5'" . DT  A 1 9  ? -0.558  10.488  2.524   1.00 27.84 ? 9   DT  A "O5'" 1 
ATOM   165 C  "C5'" . DT  A 1 9  ? 0.512   10.077  1.659   1.00 23.65 ? 9   DT  A "C5'" 1 
ATOM   166 C  "C4'" . DT  A 1 9  ? 0.083   10.178  0.210   1.00 30.79 ? 9   DT  A "C4'" 1 
ATOM   167 O  "O4'" . DT  A 1 9  ? -0.838  9.128   -0.142  1.00 25.85 ? 9   DT  A "O4'" 1 
ATOM   168 C  "C3'" . DT  A 1 9  ? -0.627  11.492  -0.114  1.00 30.58 ? 9   DT  A "C3'" 1 
ATOM   169 O  "O3'" . DT  A 1 9  ? 0.195   12.250  -1.003  1.00 34.96 ? 9   DT  A "O3'" 1 
ATOM   170 C  "C2'" . DT  A 1 9  ? -1.945  11.116  -0.725  1.00 29.64 ? 9   DT  A "C2'" 1 
ATOM   171 C  "C1'" . DT  A 1 9  ? -1.858  9.637   -1.002  1.00 25.07 ? 9   DT  A "C1'" 1 
ATOM   172 N  N1    . DT  A 1 9  ? -3.058  8.838   -0.693  1.00 22.16 ? 9   DT  A N1    1 
ATOM   173 C  C2    . DT  A 1 9  ? -3.561  8.060   -1.723  1.00 25.90 ? 9   DT  A C2    1 
ATOM   174 O  O2    . DT  A 1 9  ? -3.041  8.039   -2.828  1.00 18.69 ? 9   DT  A O2    1 
ATOM   175 N  N3    . DT  A 1 9  ? -4.675  7.327   -1.406  1.00 21.28 ? 9   DT  A N3    1 
ATOM   176 C  C4    . DT  A 1 9  ? -5.348  7.274   -0.195  1.00 18.03 ? 9   DT  A C4    1 
ATOM   177 O  O4    . DT  A 1 9  ? -6.346  6.549   -0.092  1.00 25.00 ? 9   DT  A O4    1 
ATOM   178 C  C5    . DT  A 1 9  ? -4.772  8.106   0.831   1.00 12.03 ? 9   DT  A C5    1 
ATOM   179 C  C7    . DT  A 1 9  ? -5.402  8.137   2.190   1.00 18.22 ? 9   DT  A C7    1 
ATOM   180 C  C6    . DT  A 1 9  ? -3.677  8.829   0.535   1.00 22.01 ? 9   DT  A C6    1 
ATOM   181 P  P     . DG  A 1 10 ? 0.009   13.831  -1.174  1.00 33.22 ? 10  DG  A P     1 
ATOM   182 O  OP1   . DG  A 1 10 ? 1.291   14.373  -1.690  1.00 44.43 ? 10  DG  A OP1   1 
ATOM   183 O  OP2   . DG  A 1 10 ? -0.600  14.402  0.037   1.00 26.64 ? 10  DG  A OP2   1 
ATOM   184 O  "O5'" . DG  A 1 10 ? -1.066  13.894  -2.359  1.00 30.37 ? 10  DG  A "O5'" 1 
ATOM   185 C  "C5'" . DG  A 1 10 ? -0.716  13.306  -3.619  1.00 20.64 ? 10  DG  A "C5'" 1 
ATOM   186 C  "C4'" . DG  A 1 10 ? -1.924  13.245  -4.520  1.00 24.58 ? 10  DG  A "C4'" 1 
ATOM   187 O  "O4'" . DG  A 1 10 ? -2.868  12.309  -3.936  1.00 24.63 ? 10  DG  A "O4'" 1 
ATOM   188 C  "C3'" . DG  A 1 10 ? -2.732  14.515  -4.704  1.00 28.79 ? 10  DG  A "C3'" 1 
ATOM   189 O  "O3'" . DG  A 1 10 ? -3.266  14.601  -6.017  1.00 33.93 ? 10  DG  A "O3'" 1 
ATOM   190 C  "C2'" . DG  A 1 10 ? -3.841  14.396  -3.693  1.00 30.86 ? 10  DG  A "C2'" 1 
ATOM   191 C  "C1'" . DG  A 1 10 ? -4.157  12.918  -3.889  1.00 24.19 ? 10  DG  A "C1'" 1 
ATOM   192 N  N9    . DG  A 1 10 ? -4.909  12.247  -2.829  1.00 22.26 ? 10  DG  A N9    1 
ATOM   193 C  C8    . DG  A 1 10 ? -4.999  12.556  -1.486  1.00 20.75 ? 10  DG  A C8    1 
ATOM   194 N  N7    . DG  A 1 10 ? -5.772  11.725  -0.829  1.00 22.74 ? 10  DG  A N7    1 
ATOM   195 C  C5    . DG  A 1 10 ? -6.215  10.821  -1.787  1.00 26.57 ? 10  DG  A C5    1 
ATOM   196 C  C6    . DG  A 1 10 ? -7.072  9.692   -1.701  1.00 22.68 ? 10  DG  A C6    1 
ATOM   197 O  O6    . DG  A 1 10 ? -7.641  9.249   -0.695  1.00 19.39 ? 10  DG  A O6    1 
ATOM   198 N  N1    . DG  A 1 10 ? -7.239  9.069   -2.938  1.00 17.56 ? 10  DG  A N1    1 
ATOM   199 C  C2    . DG  A 1 10 ? -6.658  9.474   -4.113  1.00 18.51 ? 10  DG  A C2    1 
ATOM   200 N  N2    . DG  A 1 10 ? -6.908  8.776   -5.232  1.00 22.59 ? 10  DG  A N2    1 
ATOM   201 N  N3    . DG  A 1 10 ? -5.862  10.518  -4.208  1.00 24.50 ? 10  DG  A N3    1 
ATOM   202 C  C4    . DG  A 1 10 ? -5.691  11.130  -3.022  1.00 26.52 ? 10  DG  A C4    1 
ATOM   203 P  P     . DC  A 1 11 ? -2.788  15.649  -7.118  1.00 42.69 ? 11  DC  A P     1 
ATOM   204 O  OP1   . DC  A 1 11 ? -1.305  15.711  -7.092  1.00 30.93 ? 11  DC  A OP1   1 
ATOM   205 O  OP2   . DC  A 1 11 ? -3.596  16.886  -6.967  1.00 64.16 ? 11  DC  A OP2   1 
ATOM   206 O  "O5'" . DC  A 1 11 ? -3.229  14.950  -8.498  1.00 32.91 ? 11  DC  A "O5'" 1 
ATOM   207 C  "C5'" . DC  A 1 11 ? -2.454  13.852  -8.985  1.00 35.55 ? 11  DC  A "C5'" 1 
ATOM   208 C  "C4'" . DC  A 1 11 ? -3.317  12.654  -9.274  1.00 35.58 ? 11  DC  A "C4'" 1 
ATOM   209 O  "O4'" . DC  A 1 11 ? -4.225  12.337  -8.193  1.00 29.94 ? 11  DC  A "O4'" 1 
ATOM   210 C  "C3'" . DC  A 1 11 ? -4.246  12.835  -10.477 1.00 31.57 ? 11  DC  A "C3'" 1 
ATOM   211 O  "O3'" . DC  A 1 11 ? -4.272  11.604  -11.183 1.00 29.55 ? 11  DC  A "O3'" 1 
ATOM   212 C  "C2'" . DC  A 1 11 ? -5.553  13.247  -9.854  1.00 32.90 ? 11  DC  A "C2'" 1 
ATOM   213 C  "C1'" . DC  A 1 11 ? -5.595  12.303  -8.675  1.00 27.74 ? 11  DC  A "C1'" 1 
ATOM   214 N  N1    . DC  A 1 11 ? -6.326  12.597  -7.440  1.00 26.11 ? 11  DC  A N1    1 
ATOM   215 C  C2    . DC  A 1 11 ? -7.265  11.665  -6.975  1.00 17.25 ? 11  DC  A C2    1 
ATOM   216 O  O2    . DC  A 1 11 ? -7.454  10.630  -7.626  1.00 19.41 ? 11  DC  A O2    1 
ATOM   217 N  N3    . DC  A 1 11 ? -7.949  11.917  -5.834  1.00 14.85 ? 11  DC  A N3    1 
ATOM   218 C  C4    . DC  A 1 11 ? -7.726  13.038  -5.151  1.00 15.86 ? 11  DC  A C4    1 
ATOM   219 N  N4    . DC  A 1 11 ? -8.426  13.240  -4.029  1.00 17.66 ? 11  DC  A N4    1 
ATOM   220 C  C5    . DC  A 1 11 ? -6.775  14.001  -5.599  1.00 21.82 ? 11  DC  A C5    1 
ATOM   221 C  C6    . DC  A 1 11 ? -6.103  13.742  -6.731  1.00 25.18 ? 11  DC  A C6    1 
ATOM   222 P  P     . DG  A 1 12 ? -4.512  11.491  -12.753 1.00 34.60 ? 12  DG  A P     1 
ATOM   223 O  OP1   . DG  A 1 12 ? -4.174  10.098  -13.152 1.00 34.85 ? 12  DG  A OP1   1 
ATOM   224 O  OP2   . DG  A 1 12 ? -3.876  12.624  -13.446 1.00 35.71 ? 12  DG  A OP2   1 
ATOM   225 O  "O5'" . DG  A 1 12 ? -6.106  11.685  -12.847 1.00 38.33 ? 12  DG  A "O5'" 1 
ATOM   226 C  "C5'" . DG  A 1 12 ? -6.991  10.591  -12.599 1.00 28.51 ? 12  DG  A "C5'" 1 
ATOM   227 C  "C4'" . DG  A 1 12 ? -8.434  11.021  -12.508 1.00 24.28 ? 12  DG  A "C4'" 1 
ATOM   228 O  "O4'" . DG  A 1 12 ? -8.656  11.668  -11.224 1.00 16.25 ? 12  DG  A "O4'" 1 
ATOM   229 C  "C3'" . DG  A 1 12 ? -8.923  12.044  -13.525 1.00 19.99 ? 12  DG  A "C3'" 1 
ATOM   230 O  "O3'" . DG  A 1 12 ? -9.674  11.406  -14.557 1.00 28.10 ? 12  DG  A "O3'" 1 
ATOM   231 C  "C2'" . DG  A 1 12 ? -9.787  13.016  -12.765 1.00 20.20 ? 12  DG  A "C2'" 1 
ATOM   232 C  "C1'" . DG  A 1 12 ? -9.831  12.483  -11.360 1.00 14.24 ? 12  DG  A "C1'" 1 
ATOM   233 N  N9    . DG  A 1 12 ? -9.683  13.415  -10.241 1.00 17.54 ? 12  DG  A N9    1 
ATOM   234 C  C8    . DG  A 1 12 ? -8.901  14.547  -10.153 1.00 14.48 ? 12  DG  A C8    1 
ATOM   235 N  N7    . DG  A 1 12 ? -9.004  15.152  -9.005  1.00 14.99 ? 12  DG  A N7    1 
ATOM   236 C  C5    . DG  A 1 12 ? -9.908  14.372  -8.297  1.00 23.05 ? 12  DG  A C5    1 
ATOM   237 C  C6    . DG  A 1 12 ? -10.410 14.537  -6.984  1.00 20.16 ? 12  DG  A C6    1 
ATOM   238 O  O6    . DG  A 1 12 ? -10.104 15.457  -6.219  1.00 19.00 ? 12  DG  A O6    1 
ATOM   239 N  N1    . DG  A 1 12 ? -11.309 13.525  -6.647  1.00 15.46 ? 12  DG  A N1    1 
ATOM   240 C  C2    . DG  A 1 12 ? -11.671 12.491  -7.471  1.00 15.50 ? 12  DG  A C2    1 
ATOM   241 N  N2    . DG  A 1 12 ? -12.546 11.596  -6.994  1.00 19.15 ? 12  DG  A N2    1 
ATOM   242 N  N3    . DG  A 1 12 ? -11.208 12.322  -8.702  1.00 18.27 ? 12  DG  A N3    1 
ATOM   243 C  C4    . DG  A 1 12 ? -10.340 13.297  -9.036  1.00 20.44 ? 12  DG  A C4    1 
ATOM   244 O  "O5'" . DC  B 1 1  ? -16.984 13.741  0.296   1.00 36.11 ? 1   DC  B "O5'" 1 
ATOM   245 C  "C5'" . DC  B 1 1  ? -17.870 12.802  -0.333  1.00 36.71 ? 1   DC  B "C5'" 1 
ATOM   246 C  "C4'" . DC  B 1 1  ? -17.064 11.810  -1.140  1.00 29.40 ? 1   DC  B "C4'" 1 
ATOM   247 O  "O4'" . DC  B 1 1  ? -16.327 12.543  -2.148  1.00 22.39 ? 1   DC  B "O4'" 1 
ATOM   248 C  "C3'" . DC  B 1 1  ? -16.036 11.013  -0.359  1.00 23.97 ? 1   DC  B "C3'" 1 
ATOM   249 O  "O3'" . DC  B 1 1  ? -15.921 9.681   -0.825  1.00 28.22 ? 1   DC  B "O3'" 1 
ATOM   250 C  "C2'" . DC  B 1 1  ? -14.756 11.772  -0.610  1.00 27.89 ? 1   DC  B "C2'" 1 
ATOM   251 C  "C1'" . DC  B 1 1  ? -14.955 12.157  -2.075  1.00 28.85 ? 1   DC  B "C1'" 1 
ATOM   252 N  N1    . DC  B 1 1  ? -14.100 13.255  -2.535  1.00 29.66 ? 1   DC  B N1    1 
ATOM   253 C  C2    . DC  B 1 1  ? -13.396 13.071  -3.731  1.00 24.06 ? 1   DC  B C2    1 
ATOM   254 O  O2    . DC  B 1 1  ? -13.531 11.998  -4.334  1.00 22.23 ? 1   DC  B O2    1 
ATOM   255 N  N3    . DC  B 1 1  ? -12.598 14.059  -4.187  1.00 25.78 ? 1   DC  B N3    1 
ATOM   256 C  C4    . DC  B 1 1  ? -12.488 15.199  -3.497  1.00 26.01 ? 1   DC  B C4    1 
ATOM   257 N  N4    . DC  B 1 1  ? -11.680 16.135  -4.006  1.00 22.86 ? 1   DC  B N4    1 
ATOM   258 C  C5    . DC  B 1 1  ? -13.191 15.414  -2.279  1.00 18.97 ? 1   DC  B C5    1 
ATOM   259 C  C6    . DC  B 1 1  ? -13.982 14.427  -1.833  1.00 22.55 ? 1   DC  B C6    1 
ATOM   260 P  P     . DG  B 1 2  ? -16.415 8.363   -0.081  1.00 31.54 ? 2   DG  B P     1 
ATOM   261 O  OP1   . DG  B 1 2  ? -17.830 8.536   0.325   1.00 43.89 ? 2   DG  B OP1   1 
ATOM   262 O  OP2   . DG  B 1 2  ? -15.416 7.975   0.941   1.00 44.21 ? 2   DG  B OP2   1 
ATOM   263 O  "O5'" . DG  B 1 2  ? -16.363 7.287   -1.265  1.00 19.41 ? 2   DG  B "O5'" 1 
ATOM   264 C  "C5'" . DG  B 1 2  ? -17.176 7.454   -2.436  1.00 24.24 ? 2   DG  B "C5'" 1 
ATOM   265 C  "C4'" . DG  B 1 2  ? -16.436 6.941   -3.653  1.00 21.57 ? 2   DG  B "C4'" 1 
ATOM   266 O  "O4'" . DG  B 1 2  ? -15.478 7.936   -4.090  1.00 20.75 ? 2   DG  B "O4'" 1 
ATOM   267 C  "C3'" . DG  B 1 2  ? -15.668 5.664   -3.397  1.00 26.32 ? 2   DG  B "C3'" 1 
ATOM   268 O  "O3'" . DG  B 1 2  ? -15.933 4.668   -4.385  1.00 34.97 ? 2   DG  B "O3'" 1 
ATOM   269 C  "C2'" . DG  B 1 2  ? -14.219 6.023   -3.489  1.00 26.21 ? 2   DG  B "C2'" 1 
ATOM   270 C  "C1'" . DG  B 1 2  ? -14.198 7.350   -4.218  1.00 28.57 ? 2   DG  B "C1'" 1 
ATOM   271 N  N9    . DG  B 1 2  ? -13.206 8.270   -3.637  1.00 20.59 ? 2   DG  B N9    1 
ATOM   272 C  C8    . DG  B 1 2  ? -13.193 8.725   -2.340  1.00 19.97 ? 2   DG  B C8    1 
ATOM   273 N  N7    . DG  B 1 2  ? -12.192 9.528   -2.117  1.00 22.39 ? 2   DG  B N7    1 
ATOM   274 C  C5    . DG  B 1 2  ? -11.519 9.603   -3.320  1.00 19.84 ? 2   DG  B C5    1 
ATOM   275 C  C6    . DG  B 1 2  ? -10.351 10.329  -3.672  1.00 29.37 ? 2   DG  B C6    1 
ATOM   276 O  O6    . DG  B 1 2  ? -9.684  11.064  -2.947  1.00 34.79 ? 2   DG  B O6    1 
ATOM   277 N  N1    . DG  B 1 2  ? -9.984  10.138  -5.001  1.00 24.22 ? 2   DG  B N1    1 
ATOM   278 C  C2    . DG  B 1 2  ? -10.665 9.341   -5.885  1.00 23.24 ? 2   DG  B C2    1 
ATOM   279 N  N2    . DG  B 1 2  ? -10.151 9.286   -7.127  1.00 18.17 ? 2   DG  B N2    1 
ATOM   280 N  N3    . DG  B 1 2  ? -11.756 8.658   -5.565  1.00 20.44 ? 2   DG  B N3    1 
ATOM   281 C  C4    . DG  B 1 2  ? -12.131 8.829   -4.280  1.00 17.21 ? 2   DG  B C4    1 
ATOM   282 P  P     . DC  B 1 3  ? -15.284 3.205   -4.158  1.00 30.30 ? 3   DC  B P     1 
ATOM   283 O  OP1   . DC  B 1 3  ? -16.242 2.251   -4.779  1.00 24.02 ? 3   DC  B OP1   1 
ATOM   284 O  OP2   . DC  B 1 3  ? -14.855 3.110   -2.746  1.00 27.27 ? 3   DC  B OP2   1 
ATOM   285 O  "O5'" . DC  B 1 3  ? -13.968 3.220   -5.054  1.00 29.37 ? 3   DC  B "O5'" 1 
ATOM   286 C  "C5'" . DC  B 1 3  ? -13.988 3.546   -6.448  1.00 16.11 ? 3   DC  B "C5'" 1 
ATOM   287 C  "C4'" . DC  B 1 3  ? -12.571 3.876   -6.890  1.00 20.89 ? 3   DC  B "C4'" 1 
ATOM   288 O  "O4'" . DC  B 1 3  ? -12.086 5.005   -6.141  1.00 25.06 ? 3   DC  B "O4'" 1 
ATOM   289 C  "C3'" . DC  B 1 3  ? -11.531 2.802   -6.650  1.00 17.75 ? 3   DC  B "C3'" 1 
ATOM   290 O  "O3'" . DC  B 1 3  ? -11.445 1.931   -7.770  1.00 29.93 ? 3   DC  B "O3'" 1 
ATOM   291 C  "C2'" . DC  B 1 3  ? -10.236 3.548   -6.440  1.00 28.26 ? 3   DC  B "C2'" 1 
ATOM   292 C  "C1'" . DC  B 1 3  ? -10.643 4.953   -6.081  1.00 22.73 ? 3   DC  B "C1'" 1 
ATOM   293 N  N1    . DC  B 1 3  ? -10.381 5.449   -4.720  1.00 19.97 ? 3   DC  B N1    1 
ATOM   294 C  C2    . DC  B 1 3  ? -9.374  6.405   -4.555  1.00 22.58 ? 3   DC  B C2    1 
ATOM   295 O  O2    . DC  B 1 3  ? -8.769  6.759   -5.575  1.00 16.92 ? 3   DC  B O2    1 
ATOM   296 N  N3    . DC  B 1 3  ? -9.109  6.887   -3.318  1.00 23.19 ? 3   DC  B N3    1 
ATOM   297 C  C4    . DC  B 1 3  ? -9.812  6.450   -2.268  1.00 23.85 ? 3   DC  B C4    1 
ATOM   298 N  N4    . DC  B 1 3  ? -9.530  6.940   -1.058  1.00 22.25 ? 3   DC  B N4    1 
ATOM   299 C  C5    . DC  B 1 3  ? -10.851 5.474   -2.405  1.00 18.26 ? 3   DC  B C5    1 
ATOM   300 C  C6    . DC  B 1 3  ? -11.091 5.011   -3.643  1.00 22.72 ? 3   DC  B C6    1 
ATOM   301 P  P     . DA  B 1 4  ? -10.551 0.607   -7.769  1.00 28.79 ? 4   DA  B P     1 
ATOM   302 O  OP1   . DA  B 1 4  ? -11.090 -0.282  -8.831  1.00 33.45 ? 4   DA  B OP1   1 
ATOM   303 O  OP2   . DA  B 1 4  ? -10.390 0.134   -6.381  1.00 32.61 ? 4   DA  B OP2   1 
ATOM   304 O  "O5'" . DA  B 1 4  ? -9.120  1.124   -8.258  1.00 34.17 ? 4   DA  B "O5'" 1 
ATOM   305 C  "C5'" . DA  B 1 4  ? -8.955  1.755   -9.537  1.00 30.23 ? 4   DA  B "C5'" 1 
ATOM   306 C  "C4'" . DA  B 1 4  ? -7.545  2.273   -9.646  1.00 23.46 ? 4   DA  B "C4'" 1 
ATOM   307 O  "O4'" . DA  B 1 4  ? -7.241  3.142   -8.538  1.00 18.44 ? 4   DA  B "O4'" 1 
ATOM   308 C  "C3'" . DA  B 1 4  ? -6.458  1.197   -9.598  1.00 26.02 ? 4   DA  B "C3'" 1 
ATOM   309 O  "O3'" . DA  B 1 4  ? -5.384  1.581   -10.448 1.00 31.18 ? 4   DA  B "O3'" 1 
ATOM   310 C  "C2'" . DA  B 1 4  ? -6.112  1.135   -8.134  1.00 27.71 ? 4   DA  B "C2'" 1 
ATOM   311 C  "C1'" . DA  B 1 4  ? -6.208  2.604   -7.722  1.00 26.30 ? 4   DA  B "C1'" 1 
ATOM   312 N  N9    . DA  B 1 4  ? -6.556  2.840   -6.318  1.00 25.93 ? 4   DA  B N9    1 
ATOM   313 C  C8    . DA  B 1 4  ? -7.324  2.044   -5.502  1.00 25.88 ? 4   DA  B C8    1 
ATOM   314 N  N7    . DA  B 1 4  ? -7.462  2.518   -4.289  1.00 22.17 ? 4   DA  B N7    1 
ATOM   315 C  C5    . DA  B 1 4  ? -6.738  3.703   -4.296  1.00 20.09 ? 4   DA  B C5    1 
ATOM   316 C  C6    . DA  B 1 4  ? -6.493  4.677   -3.311  1.00 24.57 ? 4   DA  B C6    1 
ATOM   317 N  N6    . DA  B 1 4  ? -6.967  4.610   -2.070  1.00 18.20 ? 4   DA  B N6    1 
ATOM   318 N  N1    . DA  B 1 4  ? -5.729  5.757   -3.621  1.00 20.19 ? 4   DA  B N1    1 
ATOM   319 C  C2    . DA  B 1 4  ? -5.253  5.817   -4.879  1.00 17.61 ? 4   DA  B C2    1 
ATOM   320 N  N3    . DA  B 1 4  ? -5.417  4.967   -5.886  1.00 19.87 ? 4   DA  B N3    1 
ATOM   321 C  C4    . DA  B 1 4  ? -6.176  3.913   -5.540  1.00 21.08 ? 4   DA  B C4    1 
ATOM   322 P  P     . DA  B 1 5  ? -3.879  1.052   -10.306 1.00 30.96 ? 5   DA  B P     1 
ATOM   323 O  OP1   . DA  B 1 5  ? -3.279  0.998   -11.668 1.00 35.94 ? 5   DA  B OP1   1 
ATOM   324 O  OP2   . DA  B 1 5  ? -3.910  -0.187  -9.489  1.00 29.96 ? 5   DA  B OP2   1 
ATOM   325 O  "O5'" . DA  B 1 5  ? -3.178  2.211   -9.493  1.00 26.89 ? 5   DA  B "O5'" 1 
ATOM   326 C  "C5'" . DA  B 1 5  ? -3.228  3.559   -9.994  1.00 25.75 ? 5   DA  B "C5'" 1 
ATOM   327 C  "C4'" . DA  B 1 5  ? -2.129  4.354   -9.355  1.00 24.64 ? 5   DA  B "C4'" 1 
ATOM   328 O  "O4'" . DA  B 1 5  ? -2.314  4.505   -7.930  1.00 21.41 ? 5   DA  B "O4'" 1 
ATOM   329 C  "C3'" . DA  B 1 5  ? -0.754  3.702   -9.452  1.00 29.07 ? 5   DA  B "C3'" 1 
ATOM   330 O  "O3'" . DA  B 1 5  ? 0.240   4.711   -9.437  1.00 31.67 ? 5   DA  B "O3'" 1 
ATOM   331 C  "C2'" . DA  B 1 5  ? -0.740  2.795   -8.249  1.00 22.97 ? 5   DA  B "C2'" 1 
ATOM   332 C  "C1'" . DA  B 1 5  ? -1.410  3.677   -7.209  1.00 21.04 ? 5   DA  B "C1'" 1 
ATOM   333 N  N9    . DA  B 1 5  ? -2.260  3.025   -6.206  1.00 27.24 ? 5   DA  B N9    1 
ATOM   334 C  C8    . DA  B 1 5  ? -3.018  1.895   -6.375  1.00 33.51 ? 5   DA  B C8    1 
ATOM   335 N  N7    . DA  B 1 5  ? -3.685  1.530   -5.307  1.00 22.42 ? 5   DA  B N7    1 
ATOM   336 C  C5    . DA  B 1 5  ? -3.334  2.496   -4.372  1.00 24.08 ? 5   DA  B C5    1 
ATOM   337 C  C6    . DA  B 1 5  ? -3.716  2.668   -3.031  1.00 27.90 ? 5   DA  B C6    1 
ATOM   338 N  N6    . DA  B 1 5  ? -4.554  1.850   -2.379  1.00 19.14 ? 5   DA  B N6    1 
ATOM   339 N  N1    . DA  B 1 5  ? -3.189  3.728   -2.377  1.00 21.44 ? 5   DA  B N1    1 
ATOM   340 C  C2    . DA  B 1 5  ? -2.354  4.539   -3.034  1.00 14.22 ? 5   DA  B C2    1 
ATOM   341 N  N3    . DA  B 1 5  ? -1.919  4.489   -4.289  1.00 20.68 ? 5   DA  B N3    1 
ATOM   342 C  C4    . DA  B 1 5  ? -2.459  3.421   -4.911  1.00 25.88 ? 5   DA  B C4    1 
ATOM   343 P  P     . DA  B 1 6  ? 1.809   4.402   -9.506  1.00 32.36 ? 6   DA  B P     1 
ATOM   344 O  OP1   . DA  B 1 6  ? 2.397   5.434   -10.402 1.00 24.64 ? 6   DA  B OP1   1 
ATOM   345 O  OP2   . DA  B 1 6  ? 1.987   2.964   -9.800  1.00 27.12 ? 6   DA  B OP2   1 
ATOM   346 O  "O5'" . DA  B 1 6  ? 2.310   4.701   -8.013  1.00 22.36 ? 6   DA  B "O5'" 1 
ATOM   347 C  "C5'" . DA  B 1 6  ? 1.854   5.866   -7.332  1.00 20.26 ? 6   DA  B "C5'" 1 
ATOM   348 C  "C4'" . DA  B 1 6  ? 2.275   5.892   -5.881  1.00 22.67 ? 6   DA  B "C4'" 1 
ATOM   349 O  "O4'" . DA  B 1 6  ? 1.384   5.109   -5.060  1.00 30.57 ? 6   DA  B "O4'" 1 
ATOM   350 C  "C3'" . DA  B 1 6  ? 3.675   5.315   -5.612  1.00 26.36 ? 6   DA  B "C3'" 1 
ATOM   351 O  "O3'" . DA  B 1 6  ? 4.377   6.276   -4.834  1.00 32.11 ? 6   DA  B "O3'" 1 
ATOM   352 C  "C2'" . DA  B 1 6  ? 3.437   3.994   -4.930  1.00 26.02 ? 6   DA  B "C2'" 1 
ATOM   353 C  "C1'" . DA  B 1 6  ? 2.113   4.207   -4.222  1.00 34.49 ? 6   DA  B "C1'" 1 
ATOM   354 N  N9    . DA  B 1 6  ? 1.222   3.051   -4.061  1.00 21.60 ? 6   DA  B N9    1 
ATOM   355 C  C8    . DA  B 1 6  ? 0.907   2.076   -4.973  1.00 16.15 ? 6   DA  B C8    1 
ATOM   356 N  N7    . DA  B 1 6  ? 0.072   1.174   -4.515  1.00 19.73 ? 6   DA  B N7    1 
ATOM   357 C  C5    . DA  B 1 6  ? -0.183  1.579   -3.208  1.00 18.36 ? 6   DA  B C5    1 
ATOM   358 C  C6    . DA  B 1 6  ? -0.987  1.049   -2.185  1.00 24.23 ? 6   DA  B C6    1 
ATOM   359 N  N6    . DA  B 1 6  ? -1.727  -0.060  -2.311  1.00 13.03 ? 6   DA  B N6    1 
ATOM   360 N  N1    . DA  B 1 6  ? -1.031  1.683   -0.996  1.00 23.46 ? 6   DA  B N1    1 
ATOM   361 C  C2    . DA  B 1 6  ? -0.292  2.798   -0.865  1.00 28.21 ? 6   DA  B C2    1 
ATOM   362 N  N3    . DA  B 1 6  ? 0.502   3.395   -1.749  1.00 30.32 ? 6   DA  B N3    1 
ATOM   363 C  C4    . DA  B 1 6  ? 0.518   2.733   -2.918  1.00 27.03 ? 6   DA  B C4    1 
ATOM   364 P  P     . DT  B 1 7  ? 5.891   6.167   -4.331  1.00 33.41 ? 7   DT  B P     1 
ATOM   365 O  OP1   . DT  B 1 7  ? 6.347   7.559   -4.060  1.00 30.57 ? 7   DT  B OP1   1 
ATOM   366 O  OP2   . DT  B 1 7  ? 6.612   5.259   -5.246  1.00 29.61 ? 7   DT  B OP2   1 
ATOM   367 O  "O5'" . DT  B 1 7  ? 5.757   5.443   -2.913  1.00 31.66 ? 7   DT  B "O5'" 1 
ATOM   368 C  "C5'" . DT  B 1 7  ? 5.038   6.083   -1.850  1.00 28.71 ? 7   DT  B "C5'" 1 
ATOM   369 C  "C4'" . DT  B 1 7  ? 4.859   5.096   -0.721  1.00 33.21 ? 7   DT  B "C4'" 1 
ATOM   370 O  "O4'" . DT  B 1 7  ? 3.873   4.099   -1.053  1.00 28.38 ? 7   DT  B "O4'" 1 
ATOM   371 C  "C3'" . DT  B 1 7  ? 6.124   4.302   -0.375  1.00 26.56 ? 7   DT  B "C3'" 1 
ATOM   372 O  "O3'" . DT  B 1 7  ? 6.678   4.852   0.812   1.00 28.26 ? 7   DT  B "O3'" 1 
ATOM   373 C  "C2'" . DT  B 1 7  ? 5.679   2.874   -0.227  1.00 27.61 ? 7   DT  B "C2'" 1 
ATOM   374 C  "C1'" . DT  B 1 7  ? 4.155   2.951   -0.259  1.00 30.54 ? 7   DT  B "C1'" 1 
ATOM   375 N  N1    . DT  B 1 7  ? 3.480   1.781   -0.843  1.00 22.41 ? 7   DT  B N1    1 
ATOM   376 C  C2    . DT  B 1 7  ? 2.554   1.145   -0.033  1.00 15.65 ? 7   DT  B C2    1 
ATOM   377 O  O2    . DT  B 1 7  ? 2.303   1.521   1.097   1.00 22.21 ? 7   DT  B O2    1 
ATOM   378 N  N3    . DT  B 1 7  ? 1.946   0.068   -0.603  1.00 12.47 ? 7   DT  B N3    1 
ATOM   379 C  C4    . DT  B 1 7  ? 2.147   -0.452  -1.869  1.00 17.60 ? 7   DT  B C4    1 
ATOM   380 O  O4    . DT  B 1 7  ? 1.507   -1.438  -2.222  1.00 15.46 ? 7   DT  B O4    1 
ATOM   381 C  C5    . DT  B 1 7  ? 3.124   0.257   -2.663  1.00 21.89 ? 7   DT  B C5    1 
ATOM   382 C  C7    . DT  B 1 7  ? 3.407   -0.231  -4.051  1.00 22.36 ? 7   DT  B C7    1 
ATOM   383 C  C6    . DT  B 1 7  ? 3.727   1.320   -2.112  1.00 19.34 ? 7   DT  B C6    1 
ATOM   384 P  P     . DT  B 1 8  ? 7.883   4.178   1.630   1.00 32.14 ? 8   DT  B P     1 
ATOM   385 O  OP1   . DT  B 1 8  ? 8.564   5.287   2.344   1.00 34.71 ? 8   DT  B OP1   1 
ATOM   386 O  OP2   . DT  B 1 8  ? 8.595   3.252   0.718   1.00 27.46 ? 8   DT  B OP2   1 
ATOM   387 O  "O5'" . DT  B 1 8  ? 7.129   3.296   2.737   1.00 32.98 ? 8   DT  B "O5'" 1 
ATOM   388 C  "C5'" . DT  B 1 8  ? 6.107   3.893   3.555   1.00 23.19 ? 8   DT  B "C5'" 1 
ATOM   389 C  "C4'" . DT  B 1 8  ? 5.511   2.816   4.436   1.00 21.51 ? 8   DT  B "C4'" 1 
ATOM   390 O  "O4'" . DT  B 1 8  ? 4.819   1.836   3.640   1.00 19.03 ? 8   DT  B "O4'" 1 
ATOM   391 C  "C3'" . DT  B 1 8  ? 6.549   2.042   5.252   1.00 22.94 ? 8   DT  B "C3'" 1 
ATOM   392 O  "O3'" . DT  B 1 8  ? 6.188   2.095   6.631   1.00 28.59 ? 8   DT  B "O3'" 1 
ATOM   393 C  "C2'" . DT  B 1 8  ? 6.541   0.649   4.679   1.00 18.65 ? 8   DT  B "C2'" 1 
ATOM   394 C  "C1'" . DT  B 1 8  ? 5.156   0.520   4.086   1.00 22.57 ? 8   DT  B "C1'" 1 
ATOM   395 N  N1    . DT  B 1 8  ? 4.994   -0.326  2.897   1.00 25.33 ? 8   DT  B N1    1 
ATOM   396 C  C2    . DT  B 1 8  ? 4.060   -1.336  2.950   1.00 17.55 ? 8   DT  B C2    1 
ATOM   397 O  O2    . DT  B 1 8  ? 3.360   -1.570  3.921   1.00 16.87 ? 8   DT  B O2    1 
ATOM   398 N  N3    . DT  B 1 8  ? 3.972   -2.074  1.803   1.00 16.09 ? 8   DT  B N3    1 
ATOM   399 C  C4    . DT  B 1 8  ? 4.677   -1.947  0.627   1.00 17.38 ? 8   DT  B C4    1 
ATOM   400 O  O4    . DT  B 1 8  ? 4.436   -2.727  -0.288  1.00 22.26 ? 8   DT  B O4    1 
ATOM   401 C  C5    . DT  B 1 8  ? 5.639   -0.870  0.643   1.00 13.47 ? 8   DT  B C5    1 
ATOM   402 C  C7    . DT  B 1 8  ? 6.468   -0.632  -0.582  1.00 24.59 ? 8   DT  B C7    1 
ATOM   403 C  C6    . DT  B 1 8  ? 5.741   -0.134  1.753   1.00 23.24 ? 8   DT  B C6    1 
ATOM   404 P  P     . DT  B 1 9  ? 7.143   1.538   7.795   1.00 39.10 ? 9   DT  B P     1 
ATOM   405 O  OP1   . DT  B 1 9  ? 6.916   2.399   8.984   1.00 35.90 ? 9   DT  B OP1   1 
ATOM   406 O  OP2   . DT  B 1 9  ? 8.493   1.334   7.198   1.00 25.44 ? 9   DT  B OP2   1 
ATOM   407 O  "O5'" . DT  B 1 9  ? 6.585   0.075   8.134   1.00 30.14 ? 9   DT  B "O5'" 1 
ATOM   408 C  "C5'" . DT  B 1 9  ? 5.206   -0.122  8.471   1.00 27.35 ? 9   DT  B "C5'" 1 
ATOM   409 C  "C4'" . DT  B 1 9  ? 4.860   -1.588  8.404   1.00 26.44 ? 9   DT  B "C4'" 1 
ATOM   410 O  "O4'" . DT  B 1 9  ? 4.844   -2.073  7.044   1.00 27.50 ? 9   DT  B "O4'" 1 
ATOM   411 C  "C3'" . DT  B 1 9  ? 5.862   -2.473  9.150   1.00 23.69 ? 9   DT  B "C3'" 1 
ATOM   412 O  "O3'" . DT  B 1 9  ? 5.239   -2.971  10.330  1.00 22.54 ? 9   DT  B "O3'" 1 
ATOM   413 C  "C2'" . DT  B 1 9  ? 6.250   -3.564  8.188   1.00 27.30 ? 9   DT  B "C2'" 1 
ATOM   414 C  "C1'" . DT  B 1 9  ? 5.235   -3.457  7.076   1.00 27.46 ? 9   DT  B "C1'" 1 
ATOM   415 N  N1    . DT  B 1 9  ? 5.677   -3.728  5.703   1.00 28.53 ? 9   DT  B N1    1 
ATOM   416 C  C2    . DT  B 1 9  ? 4.984   -4.689  4.998   1.00 32.97 ? 9   DT  B C2    1 
ATOM   417 O  O2    . DT  B 1 9  ? 4.048   -5.281  5.508   1.00 27.83 ? 9   DT  B O2    1 
ATOM   418 N  N3    . DT  B 1 9  ? 5.430   -4.907  3.718   1.00 33.22 ? 9   DT  B N3    1 
ATOM   419 C  C4    . DT  B 1 9  ? 6.488   -4.250  3.107   1.00 26.65 ? 9   DT  B C4    1 
ATOM   420 O  O4    . DT  B 1 9  ? 6.754   -4.569  1.956   1.00 23.83 ? 9   DT  B O4    1 
ATOM   421 C  C5    . DT  B 1 9  ? 7.163   -3.257  3.908   1.00 25.35 ? 9   DT  B C5    1 
ATOM   422 C  C7    . DT  B 1 9  ? 8.331   -2.468  3.373   1.00 19.17 ? 9   DT  B C7    1 
ATOM   423 C  C6    . DT  B 1 9  ? 6.730   -3.046  5.154   1.00 15.89 ? 9   DT  B C6    1 
ATOM   424 P  P     . DG  B 1 10 ? 6.027   -3.868  11.393  1.00 31.52 ? 10  DG  B P     1 
ATOM   425 O  OP1   . DG  B 1 10 ? 5.210   -3.881  12.638  1.00 43.00 ? 10  DG  B OP1   1 
ATOM   426 O  OP2   . DG  B 1 10 ? 7.436   -3.422  11.424  1.00 37.06 ? 10  DG  B OP2   1 
ATOM   427 O  "O5'" . DG  B 1 10 ? 5.999   -5.333  10.767  1.00 30.22 ? 10  DG  B "O5'" 1 
ATOM   428 C  "C5'" . DG  B 1 10 ? 4.770   -6.051  10.599  1.00 26.22 ? 10  DG  B "C5'" 1 
ATOM   429 C  "C4'" . DG  B 1 10 ? 5.067   -7.368  9.924   1.00 20.41 ? 10  DG  B "C4'" 1 
ATOM   430 O  "O4'" . DG  B 1 10 ? 5.405   -7.108  8.540   1.00 16.55 ? 10  DG  B "O4'" 1 
ATOM   431 C  "C3'" . DG  B 1 10 ? 6.236   -8.144  10.498  1.00 16.85 ? 10  DG  B "C3'" 1 
ATOM   432 O  "O3'" . DG  B 1 10 ? 5.972   -9.538  10.548  1.00 22.64 ? 10  DG  B "O3'" 1 
ATOM   433 C  "C2'" . DG  B 1 10 ? 7.367   -7.877  9.542   1.00 15.78 ? 10  DG  B "C2'" 1 
ATOM   434 C  "C1'" . DG  B 1 10 ? 6.563   -7.885  8.247   1.00 21.77 ? 10  DG  B "C1'" 1 
ATOM   435 N  N9    . DG  B 1 10 ? 7.282   -7.311  7.108   1.00 19.46 ? 10  DG  B N9    1 
ATOM   436 C  C8    . DG  B 1 10 ? 8.231   -6.318  7.086   1.00 17.83 ? 10  DG  B C8    1 
ATOM   437 N  N7    . DG  B 1 10 ? 8.659   -6.063  5.874   1.00 20.83 ? 10  DG  B N7    1 
ATOM   438 C  C5    . DG  B 1 10 ? 7.951   -6.938  5.060   1.00 21.11 ? 10  DG  B C5    1 
ATOM   439 C  C6    . DG  B 1 10 ? 7.970   -7.144  3.658   1.00 19.04 ? 10  DG  B C6    1 
ATOM   440 O  O6    . DG  B 1 10 ? 8.660   -6.551  2.821   1.00 20.29 ? 10  DG  B O6    1 
ATOM   441 N  N1    . DG  B 1 10 ? 7.079   -8.139  3.274   1.00 15.69 ? 10  DG  B N1    1 
ATOM   442 C  C2    . DG  B 1 10 ? 6.267   -8.860  4.107   1.00 17.01 ? 10  DG  B C2    1 
ATOM   443 N  N2    . DG  B 1 10 ? 5.476   -9.782  3.536   1.00 19.42 ? 10  DG  B N2    1 
ATOM   444 N  N3    . DG  B 1 10 ? 6.234   -8.685  5.414   1.00 22.87 ? 10  DG  B N3    1 
ATOM   445 C  C4    . DG  B 1 10 ? 7.095   -7.716  5.804   1.00 27.06 ? 10  DG  B C4    1 
ATOM   446 P  P     . DC  B 1 11 ? 6.230   -10.442 11.843  1.00 34.90 ? 11  DC  B P     1 
ATOM   447 O  OP1   . DC  B 1 11 ? 5.223   -10.059 12.857  1.00 28.51 ? 11  DC  B OP1   1 
ATOM   448 O  OP2   . DC  B 1 11 ? 7.685   -10.446 12.124  1.00 29.52 ? 11  DC  B OP2   1 
ATOM   449 O  "O5'" . DC  B 1 11 ? 5.850   -11.908 11.305  1.00 31.99 ? 11  DC  B "O5'" 1 
ATOM   450 C  "C5'" . DC  B 1 11 ? 4.548   -12.097 10.724  1.00 29.64 ? 11  DC  B "C5'" 1 
ATOM   451 C  "C4'" . DC  B 1 11 ? 4.672   -12.840 9.419   1.00 31.57 ? 11  DC  B "C4'" 1 
ATOM   452 O  "O4'" . DC  B 1 11 ? 5.148   -11.933 8.396   1.00 28.41 ? 11  DC  B "O4'" 1 
ATOM   453 C  "C3'" . DC  B 1 11 ? 5.670   -13.977 9.396   1.00 32.51 ? 11  DC  B "C3'" 1 
ATOM   454 O  "O3'" . DC  B 1 11 ? 5.085   -15.225 9.776   1.00 42.77 ? 11  DC  B "O3'" 1 
ATOM   455 C  "C2'" . DC  B 1 11 ? 6.114   -14.035 7.967   1.00 30.21 ? 11  DC  B "C2'" 1 
ATOM   456 C  "C1'" . DC  B 1 11 ? 5.824   -12.678 7.383   1.00 27.19 ? 11  DC  B "C1'" 1 
ATOM   457 N  N1    . DC  B 1 11 ? 7.010   -11.887 7.016   1.00 28.13 ? 11  DC  B N1    1 
ATOM   458 C  C2    . DC  B 1 11 ? 7.448   -11.915 5.695   1.00 14.43 ? 11  DC  B C2    1 
ATOM   459 O  O2    . DC  B 1 11 ? 6.862   -12.589 4.837   1.00 14.81 ? 11  DC  B O2    1 
ATOM   460 N  N3    . DC  B 1 11 ? 8.538   -11.190 5.338   1.00 15.15 ? 11  DC  B N3    1 
ATOM   461 C  C4    . DC  B 1 11 ? 9.183   -10.463 6.240   1.00 19.01 ? 11  DC  B C4    1 
ATOM   462 N  N4    . DC  B 1 11 ? 10.247  -9.782  5.796   1.00 14.22 ? 11  DC  B N4    1 
ATOM   463 C  C5    . DC  B 1 11 ? 8.754   -10.418 7.593   1.00 26.15 ? 11  DC  B C5    1 
ATOM   464 C  C6    . DC  B 1 11 ? 7.677   -11.133 7.944   1.00 27.14 ? 11  DC  B C6    1 
ATOM   465 P  P     . DG  B 1 12 ? 6.079   -16.463 10.064  1.00 34.36 ? 12  DG  B P     1 
ATOM   466 O  OP1   . DG  B 1 12 ? 5.374   -17.392 10.971  1.00 37.69 ? 12  DG  B OP1   1 
ATOM   467 O  OP2   . DG  B 1 12 ? 7.386   -15.863 10.496  1.00 28.14 ? 12  DG  B OP2   1 
ATOM   468 O  "O5'" . DG  B 1 12 ? 6.320   -17.160 8.666   1.00 27.69 ? 12  DG  B "O5'" 1 
ATOM   469 C  "C5'" . DG  B 1 12 ? 5.330   -17.541 7.715   1.00 21.51 ? 12  DG  B "C5'" 1 
ATOM   470 C  "C4'" . DG  B 1 12 ? 5.977   -17.859 6.383   1.00 21.44 ? 12  DG  B "C4'" 1 
ATOM   471 O  "O4'" . DG  B 1 12 ? 6.393   -16.635 5.718   1.00 25.87 ? 12  DG  B "O4'" 1 
ATOM   472 C  "C3'" . DG  B 1 12 ? 7.243   -18.687 6.445   1.00 20.14 ? 12  DG  B "C3'" 1 
ATOM   473 O  "O3'" . DG  B 1 12 ? 6.982   -20.092 6.469   1.00 27.67 ? 12  DG  B "O3'" 1 
ATOM   474 C  "C2'" . DG  B 1 12 ? 7.967   -18.310 5.182   1.00 17.21 ? 12  DG  B "C2'" 1 
ATOM   475 C  "C1'" . DG  B 1 12 ? 7.612   -16.853 4.994   1.00 20.37 ? 12  DG  B "C1'" 1 
ATOM   476 N  N9    . DG  B 1 12 ? 8.573   -15.867 5.525   1.00 18.86 ? 12  DG  B N9    1 
ATOM   477 C  C8    . DG  B 1 12 ? 8.812   -15.524 6.836   1.00 18.21 ? 12  DG  B C8    1 
ATOM   478 N  N7    . DG  B 1 12 ? 9.734   -14.608 6.981   1.00 20.36 ? 12  DG  B N7    1 
ATOM   479 C  C5    . DG  B 1 12 ? 10.130  -14.332 5.684   1.00 18.94 ? 12  DG  B C5    1 
ATOM   480 C  C6    . DG  B 1 12 ? 11.102  -13.425 5.196   1.00 20.86 ? 12  DG  B C6    1 
ATOM   481 O  O6    . DG  B 1 12 ? 11.833  -12.656 5.822   1.00 23.65 ? 12  DG  B O6    1 
ATOM   482 N  N1    . DG  B 1 12 ? 11.187  -13.459 3.814   1.00 14.94 ? 12  DG  B N1    1 
ATOM   483 C  C2    . DG  B 1 12 ? 10.447  -14.255 2.982   1.00 27.10 ? 12  DG  B C2    1 
ATOM   484 N  N2    . DG  B 1 12 ? 10.701  -14.119 1.664   1.00 14.93 ? 12  DG  B N2    1 
ATOM   485 N  N3    . DG  B 1 12 ? 9.540   -15.103 3.435   1.00 22.24 ? 12  DG  B N3    1 
ATOM   486 C  C4    . DG  B 1 12 ? 9.428   -15.097 4.771   1.00 10.44 ? 12  DG  B C4    1 
HETATM 487 C  C     . 58F C 2 .  ? 1.539   0.698   7.355   1.00 25.17 ? 201 58F A C     1 
HETATM 488 C  C1    . 58F C 2 .  ? 2.035   2.678   5.452   1.00 23.75 ? 201 58F A C1    1 
HETATM 489 C  C2    . 58F C 2 .  ? 1.413   0.366   5.996   1.00 24.94 ? 201 58F A C2    1 
HETATM 490 C  C3    . 58F C 2 .  ? 1.641   1.326   5.013   1.00 27.06 ? 201 58F A C3    1 
HETATM 491 C  C4    . 58F C 2 .  ? 1.865   1.985   7.795   1.00 31.75 ? 201 58F A C4    1 
HETATM 492 C  C5    . 58F C 2 .  ? 2.198   3.003   6.778   1.00 31.93 ? 201 58F A C5    1 
HETATM 493 C  C6    . 58F C 2 .  ? 2.181   3.712   4.442   1.00 25.63 ? 201 58F A C6    1 
HETATM 494 C  C7    . 58F C 2 .  ? 1.940   4.849   2.517   1.00 27.90 ? 201 58F A C7    1 
HETATM 495 C  C8    . 58F C 2 .  ? 2.729   5.597   3.468   1.00 29.91 ? 201 58F A C8    1 
HETATM 496 C  C9    . 58F C 2 .  ? 3.257   6.843   3.112   1.00 34.25 ? 201 58F A C9    1 
HETATM 497 C  C10   . 58F C 2 .  ? 2.952   7.340   1.853   1.00 22.10 ? 201 58F A C10   1 
HETATM 498 C  C11   . 58F C 2 .  ? 2.160   6.603   0.944   1.00 24.59 ? 201 58F A C11   1 
HETATM 499 C  C12   . 58F C 2 .  ? 1.613   5.359   1.264   1.00 23.69 ? 201 58F A C12   1 
HETATM 500 N  N1    . 58F C 2 .  ? 1.618   3.638   3.145   1.00 27.67 ? 201 58F A N1    1 
HETATM 501 N  N2    . 58F C 2 .  ? 2.866   4.858   4.658   1.00 19.73 ? 201 58F A N2    1 
HETATM 502 C  C13   . 58F C 2 .  ? 1.862   7.216   -0.350  1.00 25.86 ? 201 58F A C13   1 
HETATM 503 C  C14   . 58F C 2 .  ? 0.786   7.642   -2.294  1.00 31.22 ? 201 58F A C14   1 
HETATM 504 C  C15   . 58F C 2 .  ? 1.895   8.544   -2.100  1.00 28.18 ? 201 58F A C15   1 
HETATM 505 C  C16   . 58F C 2 .  ? 2.165   9.498   -3.086  1.00 39.31 ? 201 58F A C16   1 
HETATM 506 C  C17   . 58F C 2 .  ? 1.337   9.538   -4.191  1.00 38.53 ? 201 58F A C17   1 
HETATM 507 C  C18   . 58F C 2 .  ? 0.270   8.612   -4.414  1.00 32.46 ? 201 58F A C18   1 
HETATM 508 N  N3    . 58F C 2 .  ? 0.829   6.769   -1.205  1.00 26.40 ? 201 58F A N3    1 
HETATM 509 N  N4    . 58F C 2 .  ? 2.535   8.284   -0.877  1.00 27.40 ? 201 58F A N4    1 
HETATM 510 C  C19   . 58F C 2 .  ? -0.001  7.623   -3.460  1.00 26.57 ? 201 58F A C19   1 
HETATM 511 N  N5    . 58F C 2 .  ? -0.499  8.752   -5.609  1.00 24.77 ? 201 58F A N5    1 
HETATM 512 N  N6    . 58F C 2 .  ? -2.618  9.299   -7.496  1.00 35.63 ? 201 58F A N6    1 
HETATM 513 C  C20   . 58F C 2 .  ? -0.966  10.111  -5.885  1.00 23.90 ? 201 58F A C20   1 
HETATM 514 C  C21   . 58F C 2 .  ? -1.444  10.227  -7.351  1.00 33.16 ? 201 58F A C21   1 
HETATM 515 C  C22   . 58F C 2 .  ? -2.182  7.889   -7.311  1.00 31.86 ? 201 58F A C22   1 
HETATM 516 C  C23   . 58F C 2 .  ? -1.209  7.620   -6.161  1.00 21.77 ? 201 58F A C23   1 
HETATM 517 C  C24   . 58F C 2 .  ? -3.762  9.753   -6.653  1.00 20.05 ? 201 58F A C24   1 
HETATM 518 I  I     . 58F C 2 .  ? 1.166   -0.745  8.832   0.79 42.98 ? 201 58F A I     1 
HETATM 519 MG MG    . MG  D 3 .  ? 12.565  -5.772  1.937   1.00 21.49 ? 202 MG  A MG    1 
HETATM 520 O  O     . HOH E 4 .  ? -9.207  17.491  -5.658  1.00 69.73 ? 301 HOH A O     1 
HETATM 521 O  O     . HOH E 4 .  ? -8.974  10.189  0.920   1.00 43.99 ? 302 HOH A O     1 
HETATM 522 O  O     . HOH E 4 .  ? -4.944  6.354   6.234   1.00 42.55 ? 303 HOH A O     1 
HETATM 523 O  O     . HOH E 4 .  ? -2.873  14.506  -0.288  1.00 41.37 ? 304 HOH A O     1 
HETATM 524 O  O     . HOH E 4 .  ? -3.473  -0.472  12.264  1.00 44.74 ? 305 HOH A O     1 
HETATM 525 O  O     . HOH E 4 .  ? -5.625  14.033  -13.945 1.00 48.34 ? 306 HOH A O     1 
HETATM 526 O  O     . HOH E 4 .  ? 2.942   15.266  -0.176  1.00 58.49 ? 307 HOH A O     1 
HETATM 527 O  O     . HOH E 4 .  ? 9.690   -14.072 -8.370  1.00 33.98 ? 308 HOH A O     1 
HETATM 528 O  O     . HOH E 4 .  ? -3.946  11.024  4.162   1.00 65.13 ? 309 HOH A O     1 
HETATM 529 O  O     . HOH E 4 .  ? -5.534  -1.753  -0.923  1.00 40.40 ? 310 HOH A O     1 
HETATM 530 O  O     . HOH E 4 .  ? 1.816   11.991  6.564   1.00 44.04 ? 311 HOH A O     1 
HETATM 531 O  O     . HOH E 4 .  ? 4.344   9.823   -0.124  1.00 34.18 ? 312 HOH A O     1 
HETATM 532 O  O     . HOH E 4 .  ? 3.671   -5.933  -3.129  1.00 27.60 ? 313 HOH A O     1 
HETATM 533 O  O     . HOH E 4 .  ? 3.434   6.061   6.771   1.00 52.04 ? 314 HOH A O     1 
HETATM 534 O  O     . HOH E 4 .  ? 1.450   -7.459  4.477   1.00 67.51 ? 315 HOH A O     1 
HETATM 535 O  O     . HOH E 4 .  ? 1.463   -9.702  3.937   1.00 31.81 ? 316 HOH A O     1 
HETATM 536 O  O     . HOH E 4 .  ? 9.788   -6.268  -2.197  1.00 35.77 ? 317 HOH A O     1 
HETATM 537 O  O     . HOH E 4 .  ? 12.389  -7.049  0.261   1.00 24.82 ? 318 HOH A O     1 
HETATM 538 O  O     . HOH E 4 .  ? 0.358   -5.882  -2.473  1.00 58.33 ? 319 HOH A O     1 
HETATM 539 O  O     . HOH E 4 .  ? -4.505  -13.912 3.042   1.00 38.37 ? 320 HOH A O     1 
HETATM 540 O  O     . HOH E 4 .  ? -7.642  17.287  -8.534  1.00 32.27 ? 321 HOH A O     1 
HETATM 541 O  O     . HOH E 4 .  ? -0.125  -9.026  -3.371  1.00 61.75 ? 322 HOH A O     1 
HETATM 542 O  O     . HOH E 4 .  ? -1.893  -2.006  11.448  1.00 45.84 ? 323 HOH A O     1 
HETATM 543 O  O     . HOH E 4 .  ? -6.243  -5.313  3.310   1.00 33.70 ? 324 HOH A O     1 
HETATM 544 O  O     . HOH E 4 .  ? 12.129  -7.368  3.271   1.00 18.40 ? 325 HOH A O     1 
HETATM 545 O  O     . HOH E 4 .  ? -0.467  11.932  6.800   1.00 61.92 ? 326 HOH A O     1 
HETATM 546 O  O     . HOH E 4 .  ? -6.350  4.622   6.763   1.00 56.50 ? 327 HOH A O     1 
HETATM 547 O  O     . HOH E 4 .  ? 16.541  -13.478 -6.268  1.00 35.75 ? 328 HOH A O     1 
HETATM 548 O  O     . HOH E 4 .  ? -7.169  -3.685  7.750   1.00 22.98 ? 329 HOH A O     1 
HETATM 549 O  O     . HOH E 4 .  ? 5.738   -14.106 -8.935  1.00 44.01 ? 330 HOH A O     1 
HETATM 550 O  O     . HOH E 4 .  ? 13.571  -7.690  5.346   1.00 33.14 ? 331 HOH A O     1 
HETATM 551 O  O     . HOH E 4 .  ? 1.718   -7.948  -6.790  1.00 58.65 ? 332 HOH A O     1 
HETATM 552 O  O     . HOH E 4 .  ? -8.285  6.291   1.883   1.00 21.08 ? 333 HOH A O     1 
HETATM 553 O  O     . HOH E 4 .  ? 12.236  -7.760  -3.832  1.00 29.67 ? 334 HOH A O     1 
HETATM 554 O  O     . HOH E 4 .  ? -2.931  11.253  -15.749 1.00 48.40 ? 335 HOH A O     1 
HETATM 555 O  O     . HOH E 4 .  ? -6.947  -9.971  5.262   1.00 56.85 ? 336 HOH A O     1 
HETATM 556 O  O     . HOH E 4 .  ? -5.614  -2.910  11.813  1.00 35.78 ? 337 HOH A O     1 
HETATM 557 O  O     . HOH E 4 .  ? -4.212  -11.942 -3.295  1.00 46.49 ? 338 HOH A O     1 
HETATM 558 O  O     . HOH E 4 .  ? -6.340  -13.577 -0.520  1.00 54.46 ? 339 HOH A O     1 
HETATM 559 O  O     . HOH E 4 .  ? -6.027  -5.988  9.341   1.00 19.98 ? 340 HOH A O     1 
HETATM 560 O  O     . HOH E 4 .  ? -4.020  -4.773  -0.811  1.00 47.53 ? 341 HOH A O     1 
HETATM 561 O  O     . HOH E 4 .  ? 16.227  -11.342 4.356   1.00 34.61 ? 342 HOH A O     1 
HETATM 562 O  O     . HOH E 4 .  ? -6.351  -12.324 3.162   1.00 36.26 ? 343 HOH A O     1 
HETATM 563 O  O     . HOH E 4 .  ? 6.919   -8.353  -5.504  1.00 44.71 ? 344 HOH A O     1 
HETATM 564 O  O     . HOH E 4 .  ? -2.549  5.246   11.956  1.00 49.45 ? 345 HOH A O     1 
HETATM 565 O  O     . HOH E 4 .  ? -8.085  2.227   0.117   1.00 33.49 ? 346 HOH A O     1 
HETATM 566 O  O     . HOH E 4 .  ? -8.034  -6.524  7.210   1.00 22.99 ? 347 HOH A O     1 
HETATM 567 O  O     . HOH E 4 .  ? -6.601  0.155   5.727   1.00 40.31 ? 348 HOH A O     1 
HETATM 568 O  O     . HOH E 4 .  ? 2.302   9.071   6.538   1.00 60.58 ? 349 HOH A O     1 
HETATM 569 O  O     . HOH E 4 .  ? -8.118  15.978  -2.223  1.00 40.56 ? 350 HOH A O     1 
HETATM 570 O  O     . HOH E 4 .  ? 10.744  -8.569  -6.535  1.00 50.84 ? 351 HOH A O     1 
HETATM 571 O  O     . HOH E 4 .  ? -0.325  -14.310 1.788   1.00 39.65 ? 352 HOH A O     1 
HETATM 572 O  O     . HOH E 4 .  ? 7.962   -4.274  -2.209  1.00 46.39 ? 353 HOH A O     1 
HETATM 573 O  O     . HOH E 4 .  ? 0.126   -8.911  6.278   1.00 42.91 ? 354 HOH A O     1 
HETATM 574 O  O     . HOH E 4 .  ? 4.391   -7.792  -5.538  1.00 52.93 ? 355 HOH A O     1 
HETATM 575 O  O     . HOH E 4 .  ? 3.733   11.753  2.516   1.00 62.78 ? 356 HOH A O     1 
HETATM 576 O  O     . HOH E 4 .  ? 19.446  -13.083 -4.593  1.00 48.06 ? 357 HOH A O     1 
HETATM 577 O  O     . HOH E 4 .  ? -5.259  -10.131 10.214  1.00 26.60 ? 358 HOH A O     1 
HETATM 578 O  O     . HOH E 4 .  ? -2.425  -10.775 7.541   1.00 43.90 ? 359 HOH A O     1 
HETATM 579 O  O     . HOH E 4 .  ? -6.990  13.362  -16.254 1.00 35.73 ? 360 HOH A O     1 
HETATM 580 O  O     . HOH E 4 .  ? 2.437   -13.201 -8.381  1.00 42.94 ? 361 HOH A O     1 
HETATM 581 O  O     . HOH E 4 .  ? 9.337   -9.410  -10.276 1.00 55.94 ? 362 HOH A O     1 
HETATM 582 O  O     . HOH E 4 .  ? -7.866  -3.088  5.204   1.00 22.93 ? 363 HOH A O     1 
HETATM 583 O  O     . HOH E 4 .  ? 13.599  -9.657  8.568   1.00 51.59 ? 364 HOH A O     1 
HETATM 584 O  O     . HOH E 4 .  ? -4.588  10.172  -17.193 1.00 48.47 ? 365 HOH A O     1 
HETATM 585 O  O     . HOH E 4 .  ? 17.430  -8.636  4.830   1.00 49.15 ? 366 HOH A O     1 
HETATM 586 O  O     . HOH E 4 .  ? 19.333  -10.753 2.149   1.00 25.87 ? 367 HOH A O     1 
HETATM 587 O  O     . HOH E 4 .  ? 6.247   7.601   5.737   1.00 43.64 ? 368 HOH A O     1 
HETATM 588 O  O     . HOH E 4 .  ? 10.110  -7.167  -4.703  1.00 37.81 ? 369 HOH A O     1 
HETATM 589 O  O     . HOH E 4 .  ? -4.512  -5.741  11.394  1.00 36.37 ? 370 HOH A O     1 
HETATM 590 O  O     . HOH E 4 .  ? -7.873  -2.274  1.328   1.00 43.49 ? 371 HOH A O     1 
HETATM 591 O  O     . HOH E 4 .  ? -8.454  7.114   4.007   1.00 45.76 ? 372 HOH A O     1 
HETATM 592 O  O     . HOH E 4 .  ? -8.809  -0.067  1.775   1.00 46.33 ? 373 HOH A O     1 
HETATM 593 O  O     . HOH E 4 .  ? -1.362  -9.112  11.347  1.00 69.92 ? 374 HOH A O     1 
HETATM 594 O  O     . HOH E 4 .  ? -7.557  9.639   5.238   1.00 35.10 ? 375 HOH A O     1 
HETATM 595 O  O     . HOH F 4 .  ? 2.921   -6.281  7.223   1.00 46.72 ? 101 HOH B O     1 
HETATM 596 O  O     . HOH F 4 .  ? 4.983   -5.319  14.420  1.00 45.38 ? 102 HOH B O     1 
HETATM 597 O  O     . HOH F 4 .  ? 9.482   -0.674  6.579   1.00 32.58 ? 103 HOH B O     1 
HETATM 598 O  O     . HOH F 4 .  ? -17.038 16.038  -0.344  1.00 42.50 ? 104 HOH B O     1 
HETATM 599 O  O     . HOH F 4 .  ? 10.485  -5.336  1.809   1.00 22.22 ? 105 HOH B O     1 
HETATM 600 O  O     . HOH F 4 .  ? -17.652 3.402   -6.381  1.00 35.02 ? 106 HOH B O     1 
HETATM 601 O  O     . HOH F 4 .  ? -0.326  -1.078  -5.709  1.00 35.90 ? 107 HOH B O     1 
HETATM 602 O  O     . HOH F 4 .  ? -0.764  1.011   -12.280 1.00 32.15 ? 108 HOH B O     1 
HETATM 603 O  O     . HOH F 4 .  ? 7.257   -11.459 14.474  1.00 59.30 ? 109 HOH B O     1 
HETATM 604 O  O     . HOH F 4 .  ? 8.580   2.292   -1.709  1.00 44.36 ? 110 HOH B O     1 
HETATM 605 O  O     . HOH F 4 .  ? 9.039   0.995   1.958   1.00 33.54 ? 111 HOH B O     1 
HETATM 606 O  O     . HOH F 4 .  ? 9.137   -4.801  9.972   1.00 32.11 ? 112 HOH B O     1 
HETATM 607 O  O     . HOH F 4 .  ? 9.561   -12.044 11.024  1.00 44.32 ? 113 HOH B O     1 
HETATM 608 O  O     . HOH F 4 .  ? 9.538   3.862   7.328   1.00 55.90 ? 114 HOH B O     1 
HETATM 609 O  O     . HOH F 4 .  ? 9.621   -14.335 9.933   1.00 38.89 ? 115 HOH B O     1 
HETATM 610 O  O     . HOH F 4 .  ? 2.865   -15.985 11.269  1.00 41.00 ? 116 HOH B O     1 
HETATM 611 O  O     . HOH F 4 .  ? 10.661  -4.155  5.521   1.00 25.56 ? 117 HOH B O     1 
HETATM 612 O  O     . HOH F 4 .  ? 5.378   -3.237  -2.865  1.00 39.41 ? 118 HOH B O     1 
HETATM 613 O  O     . HOH F 4 .  ? -8.819  1.611   -1.973  1.00 32.76 ? 119 HOH B O     1 
HETATM 614 O  O     . HOH F 4 .  ? 1.806   -3.878  -3.717  1.00 41.53 ? 120 HOH B O     1 
HETATM 615 O  O     . HOH F 4 .  ? -11.228 6.406   1.219   1.00 41.54 ? 121 HOH B O     1 
HETATM 616 O  O     . HOH F 4 .  ? 9.861   1.729   9.771   1.00 52.16 ? 122 HOH B O     1 
HETATM 617 O  O     . HOH F 4 .  ? 8.884   -3.514  0.225   1.00 26.89 ? 123 HOH B O     1 
HETATM 618 O  O     . HOH F 4 .  ? 8.136   8.255   -1.815  1.00 46.76 ? 124 HOH B O     1 
HETATM 619 O  O     . HOH F 4 .  ? -12.178 2.266   -1.803  1.00 32.12 ? 125 HOH B O     1 
HETATM 620 O  O     . HOH F 4 .  ? -2.937  -1.888  -4.411  1.00 36.38 ? 126 HOH B O     1 
HETATM 621 O  O     . HOH F 4 .  ? 8.052   3.874   11.464  1.00 50.87 ? 127 HOH B O     1 
HETATM 622 O  O     . HOH F 4 .  ? 14.889  -12.865 6.379   1.00 52.07 ? 128 HOH B O     1 
HETATM 623 O  O     . HOH F 4 .  ? -9.586  12.190  -0.036  1.00 57.09 ? 129 HOH B O     1 
HETATM 624 O  O     . HOH F 4 .  ? -8.460  -1.872  -4.839  1.00 48.66 ? 130 HOH B O     1 
HETATM 625 O  O     . HOH F 4 .  ? 2.225   -10.815 7.809   1.00 42.15 ? 131 HOH B O     1 
HETATM 626 O  O     . HOH F 4 .  ? -6.090  -0.914  -3.123  1.00 49.49 ? 132 HOH B O     1 
HETATM 627 O  O     . HOH F 4 .  ? 11.651  -8.050  8.165   1.00 33.20 ? 133 HOH B O     1 
HETATM 628 O  O     . HOH F 4 .  ? -11.368 9.991   1.027   1.00 47.84 ? 134 HOH B O     1 
HETATM 629 O  O     . HOH F 4 .  ? -14.003 14.564  1.430   1.00 42.02 ? 135 HOH B O     1 
HETATM 630 O  O     . HOH F 4 .  ? 9.470   -8.735  14.332  1.00 58.64 ? 136 HOH B O     1 
HETATM 631 O  O     . HOH F 4 .  ? 6.701   1.663   12.223  1.00 48.83 ? 137 HOH B O     1 
HETATM 632 O  O     . HOH F 4 .  ? 3.045   -8.420  6.398   1.00 61.75 ? 138 HOH B O     1 
HETATM 633 O  O     . HOH F 4 .  ? -15.687 -1.158  -4.936  1.00 57.83 ? 139 HOH B O     1 
HETATM 634 O  O     . HOH F 4 .  ? 6.825   -14.265 13.705  1.00 33.56 ? 140 HOH B O     1 
HETATM 635 O  O     . HOH F 4 .  ? -5.127  -1.660  -5.074  1.00 49.39 ? 141 HOH B O     1 
HETATM 636 O  O     . HOH F 4 .  ? -11.191 0.455   -2.815  1.00 39.96 ? 142 HOH B O     1 
HETATM 637 O  O     . HOH F 4 .  ? 9.648   5.670   -1.845  1.00 39.37 ? 143 HOH B O     1 
HETATM 638 O  O     . HOH F 4 .  ? 9.808   3.742   -4.098  1.00 57.46 ? 144 HOH B O     1 
HETATM 639 O  O     . HOH F 4 .  ? 5.637   1.999   -6.808  1.00 59.85 ? 145 HOH B O     1 
HETATM 640 O  O     . HOH F 4 .  ? 6.606   1.743   -3.920  1.00 39.24 ? 146 HOH B O     1 
HETATM 641 O  O     . HOH F 4 .  ? 10.680  0.869   -1.411  1.00 43.63 ? 147 HOH B O     1 
HETATM 642 O  O     . HOH F 4 .  ? 0.095   -0.368  -9.403  1.00 61.02 ? 148 HOH B O     1 
HETATM 643 O  O     . HOH F 4 .  ? -9.307  3.999   1.697   1.00 40.36 ? 149 HOH B O     1 
HETATM 644 O  O     . HOH F 4 .  ? 11.269  -9.230  10.692  1.00 43.74 ? 150 HOH B O     1 
HETATM 645 O  O     . HOH F 4 .  ? -15.311 -0.578  -7.542  1.00 46.25 ? 151 HOH B O     1 
HETATM 646 O  O     . HOH F 4 .  ? 12.676  -5.991  7.060   1.00 42.67 ? 152 HOH B O     1 
HETATM 647 O  O     . HOH F 4 .  ? 10.705  6.072   -5.711  1.00 54.45 ? 153 HOH B O     1 
HETATM 648 O  O     . HOH F 4 .  ? -18.805 -0.067  -7.190  1.00 50.26 ? 154 HOH B O     1 
HETATM 649 O  O     . HOH F 4 .  ? -12.178 1.843   0.456   1.00 41.04 ? 155 HOH B O     1 
HETATM 650 O  O     . HOH F 4 .  ? -16.871 15.746  4.234   1.00 46.37 ? 156 HOH B O     1 
HETATM 651 O  O     . HOH F 4 .  ? 1.324   -10.078 10.252  1.00 49.53 ? 157 HOH B O     1 
HETATM 652 O  O     . HOH F 4 .  ? 1.100   -13.066 11.285  1.00 43.65 ? 158 HOH B O     1 
HETATM 653 O  O     . HOH F 4 .  ? 7.791   -1.148  -4.171  1.00 45.04 ? 159 HOH B O     1 
HETATM 654 O  O     . HOH F 4 .  ? 10.296  -0.580  -3.153  1.00 54.07 ? 160 HOH B O     1 
# 
